data_7M5Y
#
_entry.id   7M5Y
#
_cell.length_a   1.00
_cell.length_b   1.00
_cell.length_c   1.00
_cell.angle_alpha   90.00
_cell.angle_beta   90.00
_cell.angle_gamma   90.00
#
_symmetry.space_group_name_H-M   'P 1'
#
loop_
_entity.id
_entity.type
_entity.pdbx_description
1 polymer 'Polyamine-transporting ATPase 13A2'
2 non-polymer 'MAGNESIUM ION'
3 non-polymer TETRAFLUOROMAGNESATE(2-)
4 non-polymer 'CHOLESTEROL HEMISUCCINATE'
5 non-polymer DODECYL-BETA-D-MALTOSIDE
6 non-polymer CHOLESTEROL
7 non-polymer DECANE
8 non-polymer TETRADECANE
9 non-polymer DODECANE
10 non-polymer 2-acetamido-2-deoxy-beta-D-glucopyranose
11 non-polymer 'SPERMINE (FULLY PROTONATED FORM)'
12 non-polymer '(2R)-3-{[(S)-hydroxy{[(1S,2R,3R,4S,5S,6R)-2,4,6-trihydroxy-3,5-bis(phosphonooxy)cyclohexyl]oxy}phosphoryl]oxy}propane-1,2-diyl dioctanoate'
13 water water
#
_entity_poly.entity_id   1
_entity_poly.type   'polypeptide(L)'
_entity_poly.pdbx_seq_one_letter_code
;MSADSSPLVGSTPTGYGTLTIGTSIDPLSSSVSSVRLSGYCGSPWRVIGYHVVVWMMAGIPLLLFRWKPLWGVRLRLRPC
NLAHAETLVIEIRDKEDSSWQLFTVQVQTEAIGEGSLEPSPQSQAEDGRSQAAVGAVPEGAWKDTAQLHKSEEAVSVGQK
RVLRYYLFQGQRYIWIETQQAFYQVSLLDHGRSCDDVHRSRHGLSLQDQMVRKAIYGPNVISIPVKSYPQLLVDEALNPY
YGFQAFSIALWLADHYYWYALCIFLISSISICLSLYKTRKQSQTLRDMVKLSMRVCVCRPGGEEEWVDSSELVPGDCLVL
PQEGGLMPCDAALVAGECMVNESSLTGESIPVLKTALPEGLGPYCAETHRRHTLFCGTLILQARAYVGPHVLAVVTRTGF
CTAKGGLVSSILHPRPINFKFYKHSMKFVAALSVLALLGTIYSIFILYRNRVPLNEIVIRALDLVTVVVPPALPAAMTVC
TLYAQSRLRRQGIFCIHPLRINLGGKLQLVCFDKTGTLTEDGLDVMGVVPLKGQAFLPLVPEPRRLPVGPLLRALATCHA
LSRLQDTPVGDPMDLKMVESTGWVLEEEPAADSAFGTQVLAVMRPPLWEPQLQAMEEPPVPVSVLHRFPFSSALQRMSVV
VAWPGATQPEAYVKGSPELVAGLCNPETVPTDFAQMLQSYTAAGYRVVALASKPLPTVPSLEAAQQLTRDTVEGDLSLLG
LLVMRNLLKPQTTPVIQALRRTRIRAVMVTGDNLQTAVTVARGCGMVAPQEHLIIVHATHPERGQPASLEFLPMESPTAV
NGVKDPDQAASYTVEPDPRSRHLALSGPTFGIIVKHFPKLLPKVLVQGTVFARMAPEQKTELVCELQKLQYCVGMCGDGA
NDCGALKAADVGISLSQAEASVVSPFTSSMASIECVPMVIREGRCSLDTSFSVFKYMALYSLTQFISVLILYTINTNLGD
LQFLAIDLVITTTVAVLMSRTGPALVLGRVRPPGALLSVPVLSSLLLQMVLVTGVQLGGYFLTLAQPWFVPLNRTVAAPD
NLPNYENTVVFSLSSFQYLILAAAVSKGAPFRRPLYTNVPFLVALALLSSVLVGLVLVPGLLQGPLALRNITDTGFKLLL
LGLVTLNFVGAFMLESVLDQCLPACLRRLRPKRASKKRFKQLERELAEQPWPPLPAGPLRSNSLEVLFQ
;
_entity_poly.pdbx_strand_id   A
#
# COMPACT_ATOMS: atom_id res chain seq x y z
N VAL A 35 -6.76 -25.88 10.42
CA VAL A 35 -7.87 -25.90 9.49
C VAL A 35 -8.94 -26.87 10.02
N ARG A 36 -9.53 -26.53 11.16
CA ARG A 36 -10.57 -27.33 11.79
C ARG A 36 -11.73 -26.45 12.20
N LEU A 37 -12.86 -27.06 12.56
CA LEU A 37 -14.03 -26.25 12.87
C LEU A 37 -14.97 -27.00 13.79
N SER A 38 -15.98 -26.28 14.27
CA SER A 38 -17.04 -26.87 15.09
C SER A 38 -18.29 -26.03 14.91
N GLY A 39 -19.46 -26.63 15.21
CA GLY A 39 -20.73 -25.96 15.08
C GLY A 39 -21.56 -25.89 16.36
N TYR A 40 -21.86 -24.67 16.77
CA TYR A 40 -22.63 -24.37 17.97
C TYR A 40 -24.06 -24.04 17.57
N CYS A 41 -24.98 -24.32 18.49
CA CYS A 41 -26.40 -24.10 18.27
C CYS A 41 -26.83 -22.79 18.93
N TRP A 45 -32.13 -17.82 25.19
CA TRP A 45 -31.96 -17.84 26.64
C TRP A 45 -30.50 -17.56 27.02
N ARG A 46 -29.60 -18.40 26.50
CA ARG A 46 -28.19 -18.24 26.84
C ARG A 46 -27.60 -16.92 26.34
N VAL A 47 -28.17 -16.34 25.29
CA VAL A 47 -27.68 -15.06 24.79
C VAL A 47 -27.88 -13.98 25.84
N ILE A 48 -29.02 -14.02 26.53
CA ILE A 48 -29.31 -13.04 27.58
C ILE A 48 -28.27 -13.13 28.69
N GLY A 49 -27.93 -14.34 29.12
CA GLY A 49 -26.89 -14.49 30.13
C GLY A 49 -25.54 -14.02 29.64
N TYR A 50 -25.18 -14.34 28.39
CA TYR A 50 -23.92 -13.87 27.86
C TYR A 50 -23.91 -12.34 27.75
N HIS A 51 -25.03 -11.76 27.31
CA HIS A 51 -25.14 -10.32 27.19
C HIS A 51 -25.03 -9.64 28.55
N VAL A 52 -25.70 -10.21 29.56
CA VAL A 52 -25.62 -9.67 30.91
C VAL A 52 -24.21 -9.82 31.47
N VAL A 53 -23.60 -10.99 31.31
CA VAL A 53 -22.26 -11.20 31.85
C VAL A 53 -21.26 -10.29 31.16
N VAL A 54 -21.37 -10.15 29.84
CA VAL A 54 -20.47 -9.29 29.10
C VAL A 54 -20.68 -7.83 29.51
N TRP A 55 -21.94 -7.41 29.59
CA TRP A 55 -22.23 -6.03 29.98
C TRP A 55 -21.92 -5.78 31.45
N MET A 56 -22.16 -6.77 32.31
CA MET A 56 -21.94 -6.55 33.74
C MET A 56 -20.46 -6.43 34.06
N MET A 57 -19.62 -7.23 33.39
CA MET A 57 -18.19 -7.22 33.68
C MET A 57 -17.58 -5.86 33.34
N ALA A 58 -17.93 -5.31 32.18
CA ALA A 58 -17.48 -4.01 31.69
C ALA A 58 -16.03 -4.04 31.21
N GLY A 59 -15.34 -5.17 31.37
CA GLY A 59 -13.99 -5.34 30.88
C GLY A 59 -13.75 -6.70 30.24
N ILE A 60 -14.75 -7.58 30.28
CA ILE A 60 -14.64 -8.93 29.74
C ILE A 60 -14.48 -8.84 28.23
N PRO A 61 -14.97 -7.77 27.59
CA PRO A 61 -14.73 -7.64 26.14
C PRO A 61 -13.25 -7.63 25.81
N LEU A 62 -12.43 -6.98 26.66
CA LEU A 62 -10.99 -7.05 26.49
C LEU A 62 -10.49 -8.48 26.69
N LEU A 63 -10.98 -9.15 27.74
CA LEU A 63 -10.61 -10.54 27.97
C LEU A 63 -11.04 -11.43 26.83
N LEU A 64 -12.26 -11.23 26.32
CA LEU A 64 -12.68 -11.94 25.11
C LEU A 64 -11.82 -11.52 23.93
N PHE A 65 -11.54 -10.22 23.81
CA PHE A 65 -10.61 -9.72 22.79
C PHE A 65 -9.15 -10.02 23.12
N ARG A 66 -8.86 -10.49 24.33
CA ARG A 66 -7.51 -10.88 24.72
C ARG A 66 -7.17 -12.25 24.13
N TRP A 67 -6.11 -12.88 24.65
CA TRP A 67 -5.64 -14.13 24.07
C TRP A 67 -6.70 -15.23 24.07
N LYS A 68 -7.51 -15.31 25.12
CA LYS A 68 -8.51 -16.37 25.25
C LYS A 68 -9.87 -15.84 24.81
N PRO A 69 -10.23 -15.97 23.53
CA PRO A 69 -11.58 -15.62 23.11
C PRO A 69 -12.53 -16.81 22.99
N LEU A 70 -12.02 -18.04 23.11
CA LEU A 70 -12.86 -19.21 22.91
C LEU A 70 -13.96 -19.33 23.95
N TRP A 71 -13.66 -19.01 25.21
CA TRP A 71 -14.67 -19.08 26.27
C TRP A 71 -15.84 -18.14 26.00
N GLY A 72 -15.54 -16.93 25.53
CA GLY A 72 -16.61 -16.00 25.19
C GLY A 72 -17.54 -16.53 24.12
N VAL A 73 -16.98 -17.23 23.13
CA VAL A 73 -17.82 -17.87 22.12
C VAL A 73 -18.43 -19.17 22.66
N ARG A 74 -17.69 -19.88 23.51
CA ARG A 74 -18.18 -21.15 24.03
C ARG A 74 -19.46 -20.98 24.84
N LEU A 75 -19.50 -19.96 25.70
CA LEU A 75 -20.67 -19.73 26.53
C LEU A 75 -21.83 -19.17 25.70
N ARG A 76 -21.52 -18.19 24.84
CA ARG A 76 -22.56 -17.52 24.06
C ARG A 76 -23.14 -18.42 22.98
N LEU A 77 -22.28 -19.13 22.23
CA LEU A 77 -22.78 -19.98 21.16
C LEU A 77 -23.59 -21.17 21.66
N ARG A 78 -23.39 -21.58 22.92
CA ARG A 78 -24.15 -22.70 23.47
C ARG A 78 -23.95 -24.02 22.73
N PRO A 79 -22.76 -24.63 22.79
CA PRO A 79 -22.52 -25.92 22.11
C PRO A 79 -23.49 -27.02 22.50
N LEU A 82 -23.35 -29.46 16.96
CA LEU A 82 -22.71 -30.30 15.97
C LEU A 82 -22.60 -29.57 14.64
N ALA A 83 -21.73 -30.06 13.76
CA ALA A 83 -21.64 -29.48 12.42
C ALA A 83 -22.92 -29.71 11.63
N HIS A 84 -23.50 -30.90 11.73
CA HIS A 84 -24.74 -31.20 11.01
C HIS A 84 -25.88 -30.32 11.51
N ALA A 85 -25.94 -30.11 12.83
CA ALA A 85 -26.99 -29.31 13.46
C ALA A 85 -26.34 -28.09 14.09
N GLU A 86 -26.43 -26.93 13.46
CA GLU A 86 -25.82 -25.75 14.04
C GLU A 86 -26.51 -24.48 13.56
N THR A 87 -26.23 -23.40 14.29
CA THR A 87 -26.67 -22.05 13.95
C THR A 87 -25.53 -21.04 14.04
N LEU A 88 -24.30 -21.49 14.31
CA LEU A 88 -23.13 -20.62 14.35
C LEU A 88 -21.90 -21.49 14.27
N VAL A 89 -20.95 -21.14 13.41
CA VAL A 89 -19.80 -22.00 13.13
C VAL A 89 -18.53 -21.24 13.54
N ILE A 90 -17.54 -21.99 14.05
CA ILE A 90 -16.24 -21.46 14.41
C ILE A 90 -15.18 -22.28 13.68
N GLU A 91 -14.16 -21.59 13.14
CA GLU A 91 -13.10 -22.26 12.41
C GLU A 91 -11.76 -21.76 12.92
N ILE A 92 -10.82 -22.70 13.07
CA ILE A 92 -9.43 -22.44 13.41
C ILE A 92 -8.60 -22.63 12.15
N ARG A 93 -7.69 -21.68 11.91
CA ARG A 93 -6.81 -21.67 10.73
C ARG A 93 -5.36 -21.94 11.13
N ASP A 94 -4.98 -23.22 11.22
CA ASP A 94 -3.60 -23.61 11.54
C ASP A 94 -2.88 -24.12 10.30
N GLN A 101 -6.41 -16.89 14.01
CA GLN A 101 -6.76 -18.23 13.57
C GLN A 101 -8.26 -18.49 13.76
N LEU A 102 -8.80 -18.01 14.87
CA LEU A 102 -10.22 -18.19 15.15
C LEU A 102 -11.07 -17.28 14.29
N PHE A 103 -12.20 -17.80 13.82
CA PHE A 103 -13.14 -17.02 13.03
C PHE A 103 -14.54 -17.55 13.28
N THR A 104 -15.51 -16.63 13.41
CA THR A 104 -16.90 -16.96 13.69
C THR A 104 -17.76 -16.53 12.51
N VAL A 105 -18.72 -17.39 12.14
CA VAL A 105 -19.61 -17.10 11.01
C VAL A 105 -21.02 -17.57 11.34
N GLN A 106 -21.98 -16.97 10.63
CA GLN A 106 -23.40 -17.30 10.76
C GLN A 106 -23.77 -18.29 9.66
N VAL A 107 -24.51 -19.32 10.02
CA VAL A 107 -24.93 -20.36 9.09
C VAL A 107 -26.19 -19.89 8.36
N GLN A 108 -26.02 -19.14 7.27
CA GLN A 108 -27.16 -18.67 6.51
C GLN A 108 -27.90 -19.86 5.89
N THR A 109 -29.12 -19.59 5.42
CA THR A 109 -29.98 -20.64 4.87
C THR A 109 -30.92 -20.05 3.82
N GLU A 110 -31.43 -20.93 2.96
CA GLU A 110 -32.36 -20.57 1.92
C GLU A 110 -33.15 -21.79 1.49
N ALA A 111 -34.30 -21.56 0.85
CA ALA A 111 -35.22 -22.61 0.45
C ALA A 111 -35.28 -22.73 -1.06
N ILE A 112 -35.23 -23.98 -1.53
CA ILE A 112 -35.29 -24.28 -2.96
C ILE A 112 -36.43 -25.25 -3.25
N ARG A 161 -35.75 -29.38 -0.52
CA ARG A 161 -36.13 -27.97 -0.67
C ARG A 161 -35.53 -27.13 0.45
N VAL A 162 -34.32 -27.51 0.90
CA VAL A 162 -33.61 -26.81 1.96
C VAL A 162 -32.15 -26.67 1.56
N LEU A 163 -31.58 -25.50 1.87
CA LEU A 163 -30.19 -25.19 1.53
C LEU A 163 -29.57 -24.56 2.77
N ARG A 164 -28.32 -24.90 3.05
CA ARG A 164 -27.57 -24.29 4.15
C ARG A 164 -26.17 -23.93 3.68
N TYR A 165 -25.85 -22.63 3.75
CA TYR A 165 -24.60 -22.12 3.21
C TYR A 165 -24.04 -21.04 4.13
N TYR A 166 -22.75 -20.76 3.97
CA TYR A 166 -22.11 -19.69 4.73
C TYR A 166 -20.96 -19.12 3.90
N LEU A 167 -20.69 -17.83 4.10
CA LEU A 167 -19.61 -17.12 3.42
C LEU A 167 -18.42 -16.96 4.35
N PHE A 168 -17.23 -16.97 3.76
CA PHE A 168 -15.99 -16.81 4.52
C PHE A 168 -14.91 -16.32 3.56
N GLN A 169 -14.34 -15.16 3.86
CA GLN A 169 -13.33 -14.53 3.00
C GLN A 169 -13.86 -14.30 1.59
N GLY A 170 -15.15 -14.05 1.46
CA GLY A 170 -15.79 -13.85 0.17
C GLY A 170 -16.10 -15.12 -0.57
N GLN A 171 -15.74 -16.28 -0.02
CA GLN A 171 -16.00 -17.56 -0.68
C GLN A 171 -17.17 -18.26 -0.01
N ARG A 172 -18.10 -18.75 -0.82
CA ARG A 172 -19.29 -19.42 -0.32
C ARG A 172 -19.01 -20.91 -0.16
N TYR A 173 -19.65 -21.51 0.84
CA TYR A 173 -19.61 -22.94 1.10
C TYR A 173 -21.05 -23.41 1.32
N ILE A 174 -21.36 -24.61 0.81
CA ILE A 174 -22.70 -25.19 0.87
C ILE A 174 -22.61 -26.50 1.63
N TRP A 175 -23.67 -26.83 2.36
CA TRP A 175 -23.75 -28.08 3.12
C TRP A 175 -24.33 -29.13 2.19
N ILE A 176 -23.72 -30.32 2.20
CA ILE A 176 -24.13 -31.43 1.35
C ILE A 176 -24.47 -32.61 2.25
N GLU A 177 -25.61 -33.24 1.99
CA GLU A 177 -26.08 -34.35 2.82
C GLU A 177 -25.39 -35.67 2.48
N THR A 178 -24.82 -35.81 1.28
CA THR A 178 -24.17 -37.06 0.90
C THR A 178 -23.01 -37.38 1.85
N GLN A 179 -22.17 -36.38 2.14
CA GLN A 179 -21.10 -36.50 3.12
C GLN A 179 -21.38 -35.78 4.44
N GLN A 180 -22.52 -35.11 4.59
CA GLN A 180 -22.90 -34.43 5.83
C GLN A 180 -21.83 -33.44 6.27
N ALA A 181 -21.38 -32.60 5.35
CA ALA A 181 -20.30 -31.66 5.62
C ALA A 181 -20.41 -30.47 4.67
N PHE A 182 -19.70 -29.40 5.01
CA PHE A 182 -19.69 -28.20 4.18
C PHE A 182 -18.58 -28.33 3.16
N TYR A 183 -18.83 -27.84 1.95
CA TYR A 183 -17.91 -27.92 0.82
C TYR A 183 -17.88 -26.58 0.09
N GLN A 184 -16.69 -26.16 -0.31
CA GLN A 184 -16.56 -24.91 -1.05
C GLN A 184 -17.22 -25.08 -2.42
N VAL A 185 -18.05 -24.10 -2.78
CA VAL A 185 -18.82 -24.21 -4.01
C VAL A 185 -17.89 -24.17 -5.23
N SER A 186 -16.75 -23.47 -5.12
CA SER A 186 -15.86 -23.37 -6.27
C SER A 186 -15.33 -24.74 -6.70
N LEU A 187 -15.33 -25.71 -5.78
CA LEU A 187 -14.89 -27.07 -6.08
C LEU A 187 -16.06 -28.04 -6.24
N LEU A 188 -17.29 -27.54 -6.39
CA LEU A 188 -18.45 -28.41 -6.48
C LEU A 188 -18.36 -29.31 -7.70
N ASP A 189 -17.93 -28.75 -8.83
CA ASP A 189 -17.73 -29.46 -10.09
C ASP A 189 -16.26 -29.32 -10.44
N HIS A 190 -15.47 -30.28 -9.92
CA HIS A 190 -14.03 -30.30 -10.11
C HIS A 190 -13.66 -31.28 -11.20
N GLY A 191 -12.79 -30.83 -12.10
CA GLY A 191 -12.30 -31.65 -13.19
C GLY A 191 -13.40 -31.99 -14.19
N ARG A 192 -14.20 -30.99 -14.55
CA ARG A 192 -15.21 -31.17 -15.60
C ARG A 192 -14.49 -31.43 -16.91
N SER A 193 -15.02 -32.36 -17.70
CA SER A 193 -14.45 -32.65 -19.01
C SER A 193 -14.80 -31.55 -20.00
N CYS A 194 -13.87 -31.29 -20.92
CA CYS A 194 -14.14 -30.27 -21.96
C CYS A 194 -15.36 -30.66 -22.78
N ASP A 195 -15.58 -31.97 -22.99
CA ASP A 195 -16.80 -32.40 -23.66
C ASP A 195 -18.03 -32.12 -22.80
N ASP A 196 -17.92 -32.25 -21.48
CA ASP A 196 -19.04 -31.88 -20.61
C ASP A 196 -19.35 -30.40 -20.75
N VAL A 197 -18.31 -29.56 -20.87
CA VAL A 197 -18.53 -28.13 -21.09
C VAL A 197 -19.23 -27.93 -22.42
N HIS A 198 -18.77 -28.62 -23.47
CA HIS A 198 -19.39 -28.49 -24.78
C HIS A 198 -20.84 -28.96 -24.76
N ARG A 199 -21.17 -29.92 -23.90
CA ARG A 199 -22.55 -30.38 -23.80
C ARG A 199 -23.49 -29.26 -23.39
N SER A 200 -22.97 -28.23 -22.71
CA SER A 200 -23.77 -27.04 -22.40
C SER A 200 -23.71 -25.99 -23.51
N ARG A 201 -23.44 -26.39 -24.76
CA ARG A 201 -23.55 -25.45 -25.88
C ARG A 201 -24.91 -24.80 -25.89
N HIS A 202 -25.96 -25.60 -25.75
CA HIS A 202 -27.28 -25.06 -25.51
C HIS A 202 -27.30 -24.50 -24.10
N GLY A 203 -28.22 -23.57 -23.84
CA GLY A 203 -28.21 -22.91 -22.56
C GLY A 203 -28.62 -23.82 -21.41
N LEU A 204 -29.14 -23.19 -20.37
CA LEU A 204 -29.50 -23.86 -19.12
C LEU A 204 -30.99 -23.67 -18.88
N SER A 205 -31.66 -24.76 -18.50
CA SER A 205 -33.10 -24.71 -18.25
C SER A 205 -33.41 -23.76 -17.10
N LEU A 206 -34.60 -23.18 -17.14
CA LEU A 206 -34.98 -22.18 -16.13
C LEU A 206 -34.99 -22.78 -14.74
N GLN A 207 -35.49 -24.01 -14.60
CA GLN A 207 -35.47 -24.69 -13.31
C GLN A 207 -34.03 -24.90 -12.87
N ASP A 208 -33.19 -25.38 -13.79
CA ASP A 208 -31.78 -25.51 -13.47
C ASP A 208 -31.13 -24.17 -13.17
N GLN A 209 -31.52 -23.10 -13.86
CA GLN A 209 -30.98 -21.79 -13.54
C GLN A 209 -31.33 -21.37 -12.11
N MET A 210 -32.59 -21.54 -11.70
CA MET A 210 -32.95 -21.12 -10.34
C MET A 210 -32.21 -21.96 -9.30
N VAL A 211 -32.21 -23.29 -9.44
CA VAL A 211 -31.56 -24.11 -8.41
C VAL A 211 -30.06 -23.86 -8.39
N ARG A 212 -29.42 -23.70 -9.55
CA ARG A 212 -27.99 -23.47 -9.59
C ARG A 212 -27.61 -22.08 -9.09
N LYS A 213 -28.49 -21.10 -9.28
CA LYS A 213 -28.27 -19.79 -8.69
C LYS A 213 -28.35 -19.86 -7.18
N ALA A 214 -29.29 -20.64 -6.65
CA ALA A 214 -29.36 -20.83 -5.21
C ALA A 214 -28.08 -21.45 -4.67
N ILE A 215 -27.44 -22.32 -5.46
CA ILE A 215 -26.18 -22.95 -5.04
C ILE A 215 -25.04 -21.94 -5.09
N TYR A 216 -24.74 -21.43 -6.29
CA TYR A 216 -23.60 -20.53 -6.44
C TYR A 216 -23.86 -19.14 -5.89
N GLY A 217 -25.05 -18.59 -6.13
CA GLY A 217 -25.39 -17.27 -5.66
C GLY A 217 -25.36 -16.21 -6.75
N PRO A 218 -25.61 -14.95 -6.38
CA PRO A 218 -25.58 -13.88 -7.37
C PRO A 218 -24.19 -13.66 -7.94
N ASN A 219 -24.16 -13.13 -9.16
CA ASN A 219 -22.91 -12.85 -9.86
C ASN A 219 -22.22 -11.58 -9.36
N VAL A 220 -22.85 -10.80 -8.51
CA VAL A 220 -22.26 -9.56 -8.04
C VAL A 220 -21.16 -9.87 -7.04
N ILE A 221 -20.29 -8.88 -6.82
CA ILE A 221 -19.28 -8.93 -5.77
C ILE A 221 -19.72 -7.89 -4.74
N SER A 222 -20.45 -8.31 -3.72
CA SER A 222 -21.02 -7.41 -2.74
C SER A 222 -19.99 -7.08 -1.67
N ILE A 223 -19.75 -5.79 -1.46
CA ILE A 223 -18.87 -5.32 -0.39
C ILE A 223 -19.73 -5.13 0.85
N PRO A 224 -19.47 -5.82 1.99
CA PRO A 224 -20.36 -5.65 3.13
C PRO A 224 -20.09 -4.33 3.81
N VAL A 225 -20.66 -3.25 3.27
CA VAL A 225 -20.53 -1.93 3.88
C VAL A 225 -21.24 -1.97 5.22
N LYS A 226 -20.59 -1.41 6.24
CA LYS A 226 -21.09 -1.50 7.61
C LYS A 226 -21.62 -0.16 8.09
N SER A 227 -22.60 -0.25 8.98
CA SER A 227 -23.21 0.91 9.61
C SER A 227 -22.25 1.54 10.60
N TYR A 228 -22.55 2.77 10.99
CA TYR A 228 -21.65 3.50 11.89
C TYR A 228 -21.41 2.78 13.21
N PRO A 229 -22.41 2.24 13.92
CA PRO A 229 -22.07 1.45 15.12
C PRO A 229 -21.20 0.23 14.84
N GLN A 230 -21.39 -0.44 13.69
CA GLN A 230 -20.53 -1.58 13.36
C GLN A 230 -19.07 -1.16 13.18
N LEU A 231 -18.84 -0.07 12.45
CA LEU A 231 -17.49 0.45 12.30
C LEU A 231 -16.92 0.89 13.64
N LEU A 232 -17.77 1.52 14.47
CA LEU A 232 -17.34 1.98 15.78
C LEU A 232 -16.85 0.82 16.64
N VAL A 233 -17.66 -0.23 16.78
CA VAL A 233 -17.25 -1.36 17.60
C VAL A 233 -16.08 -2.09 16.94
N ASP A 234 -15.96 -1.99 15.61
CA ASP A 234 -14.92 -2.72 14.88
C ASP A 234 -13.58 -1.98 14.88
N GLU A 235 -13.52 -0.78 14.30
CA GLU A 235 -12.26 -0.11 14.02
C GLU A 235 -11.93 0.98 15.04
N ALA A 236 -12.74 1.12 16.10
CA ALA A 236 -12.50 2.10 17.15
C ALA A 236 -12.55 1.45 18.52
N LEU A 237 -12.17 0.17 18.61
CA LEU A 237 -12.04 -0.52 19.88
C LEU A 237 -10.66 -0.36 20.52
N ASN A 238 -9.91 0.66 20.13
CA ASN A 238 -8.54 0.78 20.60
C ASN A 238 -8.53 0.94 22.13
N PRO A 239 -7.73 0.16 22.87
CA PRO A 239 -7.77 0.30 24.33
C PRO A 239 -7.29 1.65 24.82
N TYR A 240 -6.49 2.36 24.03
CA TYR A 240 -6.04 3.70 24.41
C TYR A 240 -7.21 4.66 24.52
N TYR A 241 -8.22 4.51 23.66
CA TYR A 241 -9.41 5.35 23.77
C TYR A 241 -10.13 5.08 25.08
N GLY A 242 -10.19 3.80 25.49
CA GLY A 242 -10.77 3.49 26.79
C GLY A 242 -9.99 4.13 27.93
N PHE A 243 -8.66 4.11 27.84
CA PHE A 243 -7.85 4.77 28.87
C PHE A 243 -8.12 6.27 28.87
N GLN A 244 -8.26 6.86 27.69
CA GLN A 244 -8.58 8.28 27.59
C GLN A 244 -9.91 8.60 28.24
N ALA A 245 -10.92 7.75 27.99
CA ALA A 245 -12.22 7.96 28.62
C ALA A 245 -12.12 7.85 30.13
N PHE A 246 -11.34 6.88 30.62
CA PHE A 246 -11.15 6.72 32.06
C PHE A 246 -10.49 7.95 32.66
N SER A 247 -9.46 8.47 31.98
CA SER A 247 -8.79 9.68 32.48
C SER A 247 -9.73 10.87 32.47
N ILE A 248 -10.56 10.99 31.44
CA ILE A 248 -11.56 12.07 31.38
C ILE A 248 -12.49 11.97 32.58
N ALA A 249 -13.03 10.77 32.83
CA ALA A 249 -13.96 10.60 33.94
C ALA A 249 -13.30 10.93 35.27
N LEU A 250 -12.05 10.51 35.44
CA LEU A 250 -11.32 10.85 36.66
C LEU A 250 -11.15 12.36 36.81
N TRP A 251 -10.83 13.04 35.71
CA TRP A 251 -10.60 14.48 35.78
C TRP A 251 -11.88 15.23 36.10
N LEU A 252 -13.00 14.78 35.53
CA LEU A 252 -14.30 15.33 35.94
C LEU A 252 -14.61 15.01 37.39
N ALA A 253 -14.07 13.89 37.90
CA ALA A 253 -14.20 13.59 39.32
C ALA A 253 -13.19 14.34 40.19
N ASP A 254 -12.26 15.08 39.57
CA ASP A 254 -11.28 15.89 40.30
C ASP A 254 -11.35 17.37 39.93
N HIS A 255 -12.47 17.84 39.35
CA HIS A 255 -12.69 19.25 39.07
C HIS A 255 -11.69 19.81 38.04
N TYR A 256 -11.05 18.94 37.27
CA TYR A 256 -10.14 19.35 36.20
C TYR A 256 -10.91 19.30 34.89
N TYR A 257 -11.85 20.25 34.76
CA TYR A 257 -12.83 20.18 33.68
C TYR A 257 -12.20 20.48 32.33
N TRP A 258 -11.33 21.50 32.27
CA TRP A 258 -10.94 22.08 30.99
C TRP A 258 -10.09 21.13 30.17
N TYR A 259 -9.06 20.53 30.77
CA TYR A 259 -8.23 19.60 30.01
C TYR A 259 -9.02 18.36 29.62
N ALA A 260 -9.94 17.93 30.48
CA ALA A 260 -10.81 16.82 30.12
C ALA A 260 -11.64 17.16 28.89
N LEU A 261 -12.16 18.39 28.86
CA LEU A 261 -12.91 18.84 27.69
C LEU A 261 -12.03 18.88 26.44
N CYS A 262 -10.80 19.36 26.58
CA CYS A 262 -9.89 19.41 25.45
C CYS A 262 -9.61 18.02 24.90
N ILE A 263 -9.31 17.07 25.79
CA ILE A 263 -9.03 15.71 25.35
C ILE A 263 -10.27 15.09 24.73
N PHE A 264 -11.44 15.36 25.32
CA PHE A 264 -12.69 14.85 24.77
C PHE A 264 -12.92 15.37 23.35
N LEU A 265 -12.71 16.67 23.13
CA LEU A 265 -12.88 17.22 21.80
C LEU A 265 -11.91 16.59 20.81
N ILE A 266 -10.63 16.48 21.19
CA ILE A 266 -9.64 15.90 20.29
C ILE A 266 -10.02 14.46 19.94
N SER A 267 -10.30 13.64 20.95
CA SER A 267 -10.58 12.23 20.71
C SER A 267 -11.86 12.05 19.91
N SER A 268 -12.91 12.81 20.24
CA SER A 268 -14.17 12.67 19.53
C SER A 268 -14.04 13.09 18.08
N ILE A 269 -13.35 14.21 17.82
CA ILE A 269 -13.19 14.66 16.45
C ILE A 269 -12.37 13.67 15.65
N SER A 270 -11.30 13.13 16.25
CA SER A 270 -10.47 12.15 15.54
C SER A 270 -11.27 10.90 15.22
N ILE A 271 -12.06 10.42 16.19
CA ILE A 271 -12.87 9.23 15.99
C ILE A 271 -13.89 9.46 14.88
N CYS A 272 -14.57 10.62 14.90
CA CYS A 272 -15.58 10.89 13.89
C CYS A 272 -14.97 10.94 12.50
N LEU A 273 -13.84 11.64 12.34
CA LEU A 273 -13.21 11.67 11.01
C LEU A 273 -12.75 10.29 10.58
N SER A 274 -12.20 9.50 11.51
CA SER A 274 -11.78 8.14 11.17
C SER A 274 -12.94 7.31 10.66
N LEU A 275 -14.05 7.30 11.40
CA LEU A 275 -15.22 6.52 10.98
C LEU A 275 -15.73 7.00 9.64
N TYR A 276 -15.80 8.32 9.45
CA TYR A 276 -16.31 8.86 8.20
C TYR A 276 -15.45 8.44 7.02
N LYS A 277 -14.13 8.57 7.14
CA LYS A 277 -13.28 8.24 6.01
C LYS A 277 -13.24 6.74 5.75
N THR A 278 -13.29 5.91 6.78
CA THR A 278 -13.35 4.47 6.55
C THR A 278 -14.61 4.09 5.79
N ARG A 279 -15.76 4.65 6.18
CA ARG A 279 -16.98 4.37 5.47
C ARG A 279 -16.91 4.88 4.04
N LYS A 280 -16.32 6.06 3.83
CA LYS A 280 -16.20 6.60 2.49
C LYS A 280 -15.35 5.70 1.60
N GLN A 281 -14.24 5.18 2.15
CA GLN A 281 -13.40 4.27 1.39
C GLN A 281 -14.16 3.00 1.02
N SER A 282 -14.90 2.45 1.99
CA SER A 282 -15.68 1.24 1.71
C SER A 282 -16.74 1.50 0.65
N GLN A 283 -17.43 2.64 0.72
CA GLN A 283 -18.44 2.96 -0.27
C GLN A 283 -17.84 3.11 -1.66
N THR A 284 -16.67 3.76 -1.75
CA THR A 284 -16.02 3.92 -3.04
C THR A 284 -15.58 2.57 -3.59
N LEU A 285 -15.09 1.68 -2.72
CA LEU A 285 -14.73 0.34 -3.17
C LEU A 285 -15.95 -0.41 -3.69
N ARG A 286 -17.09 -0.32 -2.99
CA ARG A 286 -18.31 -0.96 -3.48
C ARG A 286 -18.67 -0.43 -4.86
N ASP A 287 -18.56 0.88 -5.05
CA ASP A 287 -18.83 1.45 -6.37
C ASP A 287 -17.86 0.93 -7.41
N MET A 288 -16.57 0.85 -7.08
CA MET A 288 -15.57 0.45 -8.08
C MET A 288 -15.81 -0.99 -8.52
N VAL A 289 -16.11 -1.88 -7.57
CA VAL A 289 -16.30 -3.28 -7.92
C VAL A 289 -17.70 -3.56 -8.45
N LYS A 290 -18.62 -2.60 -8.35
CA LYS A 290 -19.97 -2.76 -8.85
C LYS A 290 -19.97 -2.90 -10.37
N LEU A 291 -20.81 -3.80 -10.87
CA LEU A 291 -20.95 -4.04 -12.31
C LEU A 291 -22.42 -4.25 -12.64
N SER A 292 -22.85 -3.71 -13.77
CA SER A 292 -24.25 -3.82 -14.18
C SER A 292 -24.29 -3.79 -15.71
N MET A 293 -24.88 -4.81 -16.31
CA MET A 293 -25.04 -4.89 -17.76
C MET A 293 -26.31 -5.64 -18.10
N ARG A 294 -26.77 -5.46 -19.34
CA ARG A 294 -27.85 -6.25 -19.92
C ARG A 294 -27.20 -7.28 -20.84
N VAL A 295 -27.26 -8.56 -20.44
CA VAL A 295 -26.55 -9.64 -21.11
C VAL A 295 -27.56 -10.62 -21.68
N CYS A 296 -27.30 -11.07 -22.90
CA CYS A 296 -28.16 -12.06 -23.55
C CYS A 296 -27.71 -13.46 -23.15
N VAL A 297 -28.68 -14.32 -22.86
CA VAL A 297 -28.44 -15.72 -22.55
C VAL A 297 -29.48 -16.55 -23.29
N CYS A 298 -29.01 -17.58 -23.99
CA CYS A 298 -29.90 -18.48 -24.70
C CYS A 298 -30.48 -19.51 -23.74
N ARG A 299 -31.48 -20.23 -24.21
CA ARG A 299 -32.14 -21.31 -23.48
C ARG A 299 -32.36 -22.50 -24.41
N PRO A 300 -32.47 -23.71 -23.87
CA PRO A 300 -32.78 -24.85 -24.76
C PRO A 300 -34.12 -24.71 -25.46
N GLY A 301 -35.02 -23.88 -24.93
CA GLY A 301 -36.28 -23.58 -25.58
C GLY A 301 -36.22 -22.42 -26.54
N GLY A 302 -35.02 -21.97 -26.90
CA GLY A 302 -34.87 -20.89 -27.85
C GLY A 302 -35.26 -19.53 -27.30
N GLU A 303 -35.37 -18.54 -28.18
CA GLU A 303 -35.78 -17.18 -27.82
C GLU A 303 -34.86 -16.60 -26.75
N GLU A 304 -33.61 -16.37 -27.13
CA GLU A 304 -32.53 -15.94 -26.24
C GLU A 304 -32.94 -14.71 -25.44
N GLU A 305 -33.08 -14.90 -24.13
CA GLU A 305 -33.59 -13.84 -23.27
C GLU A 305 -32.49 -12.84 -22.94
N TRP A 306 -32.88 -11.70 -22.38
CA TRP A 306 -31.94 -10.69 -21.91
C TRP A 306 -32.15 -10.52 -20.41
N VAL A 307 -31.06 -10.60 -19.65
CA VAL A 307 -31.11 -10.58 -18.20
C VAL A 307 -30.04 -9.64 -17.66
N ASP A 308 -30.00 -9.53 -16.34
CA ASP A 308 -28.99 -8.73 -15.67
C ASP A 308 -27.74 -9.58 -15.43
N SER A 309 -26.61 -8.91 -15.22
CA SER A 309 -25.37 -9.63 -14.92
C SER A 309 -25.50 -10.48 -13.66
N SER A 310 -26.34 -10.07 -12.71
CA SER A 310 -26.46 -10.78 -11.44
C SER A 310 -27.02 -12.19 -11.61
N GLU A 311 -27.74 -12.47 -12.70
CA GLU A 311 -28.42 -13.75 -12.85
C GLU A 311 -27.55 -14.85 -13.44
N LEU A 312 -26.37 -14.53 -13.96
CA LEU A 312 -25.55 -15.54 -14.61
C LEU A 312 -25.08 -16.57 -13.60
N VAL A 313 -25.11 -17.84 -14.02
CA VAL A 313 -24.64 -18.96 -13.21
C VAL A 313 -23.75 -19.84 -14.07
N PRO A 314 -22.83 -20.60 -13.46
CA PRO A 314 -21.95 -21.42 -14.30
C PRO A 314 -22.70 -22.57 -14.95
N GLY A 315 -22.85 -22.51 -16.28
CA GLY A 315 -23.51 -23.57 -17.01
C GLY A 315 -24.34 -23.04 -18.17
N ASP A 316 -24.86 -21.82 -18.05
CA ASP A 316 -25.47 -21.15 -19.19
C ASP A 316 -24.36 -20.49 -19.99
N CYS A 317 -24.67 -20.12 -21.23
CA CYS A 317 -23.70 -19.51 -22.13
C CYS A 317 -24.18 -18.12 -22.58
N LEU A 318 -23.26 -17.17 -22.57
CA LEU A 318 -23.51 -15.83 -23.08
C LEU A 318 -23.33 -15.79 -24.59
N VAL A 319 -24.20 -15.03 -25.24
CA VAL A 319 -24.07 -14.65 -26.64
C VAL A 319 -23.26 -13.36 -26.71
N LEU A 320 -21.95 -13.49 -26.94
CA LEU A 320 -21.08 -12.33 -26.90
C LEU A 320 -21.47 -11.37 -28.02
N PRO A 321 -21.54 -10.07 -27.74
CA PRO A 321 -22.00 -9.13 -28.78
C PRO A 321 -21.00 -9.00 -29.93
N GLN A 322 -21.52 -8.74 -31.14
CA GLN A 322 -20.65 -8.60 -32.30
C GLN A 322 -19.72 -7.40 -32.17
N GLU A 323 -20.19 -6.34 -31.50
CA GLU A 323 -19.39 -5.13 -31.36
C GLU A 323 -18.36 -5.26 -30.26
N GLY A 324 -18.83 -5.48 -29.03
CA GLY A 324 -17.94 -5.62 -27.89
C GLY A 324 -18.58 -5.24 -26.57
N GLY A 325 -17.76 -4.80 -25.63
CA GLY A 325 -18.22 -4.43 -24.30
C GLY A 325 -17.51 -5.27 -23.25
N LEU A 326 -17.65 -4.86 -22.00
CA LEU A 326 -17.02 -5.54 -20.88
C LEU A 326 -17.59 -6.95 -20.73
N MET A 327 -16.75 -7.86 -20.22
CA MET A 327 -17.15 -9.25 -20.02
C MET A 327 -17.71 -9.40 -18.60
N PRO A 328 -18.99 -9.79 -18.41
CA PRO A 328 -19.51 -9.85 -17.03
C PRO A 328 -18.85 -10.84 -16.08
N CYS A 329 -18.26 -11.94 -16.57
CA CYS A 329 -17.77 -12.98 -15.68
C CYS A 329 -16.68 -13.79 -16.37
N ASP A 330 -16.26 -14.89 -15.73
CA ASP A 330 -15.38 -15.83 -16.40
C ASP A 330 -16.19 -16.81 -17.23
N ALA A 331 -15.67 -17.14 -18.40
CA ALA A 331 -16.36 -18.01 -19.34
C ALA A 331 -15.33 -18.69 -20.23
N ALA A 332 -15.79 -19.68 -21.00
CA ALA A 332 -14.97 -20.40 -21.95
C ALA A 332 -15.62 -20.31 -23.31
N LEU A 333 -14.88 -19.82 -24.30
CA LEU A 333 -15.39 -19.79 -25.67
C LEU A 333 -15.68 -21.19 -26.18
N VAL A 334 -16.89 -21.36 -26.71
CA VAL A 334 -17.31 -22.63 -27.28
C VAL A 334 -17.60 -22.54 -28.77
N ALA A 335 -17.90 -21.35 -29.30
CA ALA A 335 -18.12 -21.17 -30.73
C ALA A 335 -17.70 -19.75 -31.09
N GLY A 336 -16.76 -19.64 -32.02
CA GLY A 336 -16.28 -18.37 -32.54
C GLY A 336 -14.91 -17.96 -32.04
N GLU A 337 -14.42 -16.83 -32.53
CA GLU A 337 -13.17 -16.22 -32.12
C GLU A 337 -13.41 -14.78 -31.69
N CYS A 338 -12.54 -14.27 -30.81
CA CYS A 338 -12.69 -12.91 -30.29
C CYS A 338 -11.33 -12.25 -30.13
N MET A 339 -11.34 -10.92 -30.15
CA MET A 339 -10.19 -10.10 -29.82
C MET A 339 -10.54 -9.34 -28.55
N VAL A 340 -9.68 -9.51 -27.54
CA VAL A 340 -9.91 -9.06 -26.16
C VAL A 340 -8.80 -8.10 -25.73
N ASN A 341 -9.11 -7.27 -24.74
CA ASN A 341 -8.17 -6.31 -24.16
C ASN A 341 -7.99 -6.64 -22.69
N GLU A 342 -7.03 -7.50 -22.38
CA GLU A 342 -6.82 -7.96 -21.01
C GLU A 342 -5.83 -7.05 -20.28
N SER A 343 -6.07 -5.74 -20.35
CA SER A 343 -5.28 -4.80 -19.58
C SER A 343 -5.58 -4.90 -18.09
N SER A 344 -6.72 -5.50 -17.73
CA SER A 344 -7.09 -5.62 -16.33
C SER A 344 -6.26 -6.69 -15.64
N LEU A 345 -5.78 -7.69 -16.39
CA LEU A 345 -4.98 -8.78 -15.87
C LEU A 345 -3.50 -8.61 -16.13
N THR A 346 -3.11 -8.33 -17.38
CA THR A 346 -1.70 -8.23 -17.75
C THR A 346 -1.16 -6.81 -17.69
N GLY A 347 -2.02 -5.79 -17.77
CA GLY A 347 -1.58 -4.41 -17.78
C GLY A 347 -1.29 -3.81 -19.14
N GLU A 348 -1.35 -4.60 -20.22
CA GLU A 348 -1.13 -4.13 -21.58
C GLU A 348 -2.45 -4.05 -22.34
N SER A 349 -2.54 -3.07 -23.23
CA SER A 349 -3.75 -2.84 -24.00
C SER A 349 -3.70 -3.44 -25.40
N ILE A 350 -2.69 -4.25 -25.71
CA ILE A 350 -2.60 -4.86 -27.04
C ILE A 350 -3.76 -5.83 -27.22
N PRO A 351 -4.40 -5.90 -28.40
CA PRO A 351 -5.41 -6.95 -28.61
C PRO A 351 -4.82 -8.35 -28.49
N VAL A 352 -5.62 -9.25 -27.92
CA VAL A 352 -5.24 -10.65 -27.70
C VAL A 352 -6.32 -11.53 -28.33
N LEU A 353 -5.88 -12.52 -29.12
CA LEU A 353 -6.80 -13.42 -29.79
C LEU A 353 -7.21 -14.56 -28.85
N LYS A 354 -8.51 -14.81 -28.76
CA LYS A 354 -9.06 -15.94 -28.01
C LYS A 354 -9.93 -16.77 -28.97
N THR A 355 -9.59 -18.05 -29.11
CA THR A 355 -10.27 -18.95 -30.01
C THR A 355 -11.16 -19.91 -29.22
N ALA A 356 -11.94 -20.71 -29.95
CA ALA A 356 -12.85 -21.64 -29.31
C ALA A 356 -12.08 -22.70 -28.53
N LEU A 357 -12.79 -23.32 -27.58
CA LEU A 357 -12.16 -24.33 -26.73
C LEU A 357 -11.97 -25.63 -27.51
N PRO A 358 -10.77 -26.24 -27.49
CA PRO A 358 -10.58 -27.50 -28.23
C PRO A 358 -11.40 -28.63 -27.61
N GLU A 359 -12.41 -29.08 -28.35
CA GLU A 359 -13.31 -30.11 -27.86
C GLU A 359 -12.56 -31.43 -27.66
N GLY A 360 -12.97 -32.18 -26.64
CA GLY A 360 -12.37 -33.46 -26.35
C GLY A 360 -12.50 -33.80 -24.88
N LEU A 361 -11.86 -34.89 -24.49
CA LEU A 361 -11.82 -35.29 -23.09
C LEU A 361 -10.75 -34.51 -22.35
N GLY A 362 -10.46 -34.93 -21.12
CA GLY A 362 -9.48 -34.26 -20.31
C GLY A 362 -10.03 -33.01 -19.64
N PRO A 363 -9.63 -32.74 -18.40
CA PRO A 363 -10.28 -31.66 -17.64
C PRO A 363 -9.94 -30.30 -18.22
N TYR A 364 -10.87 -29.36 -18.04
CA TYR A 364 -10.66 -27.96 -18.36
C TYR A 364 -10.33 -27.20 -17.08
N CYS A 365 -9.14 -26.58 -17.06
CA CYS A 365 -8.61 -25.92 -15.88
C CYS A 365 -8.56 -24.40 -16.02
N ALA A 366 -8.38 -23.90 -17.24
CA ALA A 366 -8.18 -22.49 -17.60
C ALA A 366 -6.77 -22.00 -17.29
N GLU A 367 -5.94 -22.78 -16.60
CA GLU A 367 -4.52 -22.51 -16.52
C GLU A 367 -3.77 -22.90 -17.78
N THR A 368 -4.20 -23.98 -18.44
CA THR A 368 -3.62 -24.38 -19.72
C THR A 368 -4.52 -23.98 -20.89
N HIS A 369 -5.81 -23.73 -20.63
CA HIS A 369 -6.75 -23.26 -21.64
C HIS A 369 -6.98 -21.76 -21.52
N ARG A 370 -5.97 -21.03 -21.03
CA ARG A 370 -6.09 -19.59 -20.88
C ARG A 370 -6.31 -18.88 -22.21
N ARG A 371 -5.83 -19.45 -23.31
CA ARG A 371 -6.02 -18.87 -24.64
C ARG A 371 -7.43 -19.06 -25.18
N HIS A 372 -8.26 -19.90 -24.54
CA HIS A 372 -9.62 -20.16 -24.99
C HIS A 372 -10.67 -19.77 -23.96
N THR A 373 -10.31 -18.96 -22.96
CA THR A 373 -11.21 -18.57 -21.89
C THR A 373 -11.25 -17.05 -21.79
N LEU A 374 -12.44 -16.51 -21.55
CA LEU A 374 -12.62 -15.08 -21.37
C LEU A 374 -12.81 -14.76 -19.89
N PHE A 375 -11.93 -13.90 -19.37
CA PHE A 375 -11.91 -13.56 -17.96
C PHE A 375 -12.77 -12.33 -17.69
N CYS A 376 -13.17 -12.20 -16.43
CA CYS A 376 -14.00 -11.07 -16.02
C CYS A 376 -13.21 -9.77 -16.07
N GLY A 377 -13.89 -8.71 -16.52
CA GLY A 377 -13.30 -7.38 -16.58
C GLY A 377 -12.57 -7.07 -17.86
N THR A 378 -11.95 -8.04 -18.51
CA THR A 378 -11.23 -7.75 -19.75
C THR A 378 -12.20 -7.24 -20.81
N LEU A 379 -11.82 -6.15 -21.48
CA LEU A 379 -12.69 -5.53 -22.48
C LEU A 379 -12.57 -6.30 -23.79
N ILE A 380 -13.71 -6.68 -24.36
CA ILE A 380 -13.76 -7.36 -25.64
C ILE A 380 -13.76 -6.36 -26.79
N LEU A 381 -12.68 -6.29 -27.57
CA LEU A 381 -12.72 -5.43 -28.74
C LEU A 381 -13.75 -5.91 -29.74
N GLN A 382 -13.80 -7.22 -29.99
CA GLN A 382 -14.82 -7.74 -30.90
C GLN A 382 -14.89 -9.26 -30.81
N ALA A 383 -15.95 -9.80 -31.40
CA ALA A 383 -16.21 -11.25 -31.40
C ALA A 383 -16.78 -11.58 -32.78
N ARG A 384 -16.04 -12.34 -33.56
CA ARG A 384 -16.43 -12.81 -34.87
C ARG A 384 -16.60 -14.33 -34.85
N ALA A 385 -17.76 -14.79 -35.32
CA ALA A 385 -18.09 -16.20 -35.22
C ALA A 385 -17.47 -17.02 -36.34
N TYR A 386 -17.83 -16.72 -37.60
CA TYR A 386 -17.42 -17.48 -38.79
C TYR A 386 -18.11 -18.83 -38.91
N VAL A 387 -18.87 -19.25 -37.89
CA VAL A 387 -19.59 -20.52 -37.88
C VAL A 387 -20.84 -20.29 -37.04
N GLY A 388 -22.00 -20.60 -37.60
CA GLY A 388 -23.25 -20.43 -36.91
C GLY A 388 -23.65 -18.97 -36.88
N PRO A 389 -24.75 -18.67 -36.18
CA PRO A 389 -25.30 -17.30 -36.24
C PRO A 389 -24.64 -16.30 -35.30
N HIS A 390 -23.89 -16.75 -34.30
CA HIS A 390 -23.28 -15.84 -33.32
C HIS A 390 -22.26 -16.55 -32.44
N VAL A 391 -21.50 -15.75 -31.70
CA VAL A 391 -20.43 -16.20 -30.82
C VAL A 391 -21.01 -16.64 -29.47
N LEU A 392 -20.56 -17.79 -28.99
CA LEU A 392 -21.04 -18.41 -27.76
C LEU A 392 -19.91 -18.65 -26.78
N ALA A 393 -20.15 -18.35 -25.50
CA ALA A 393 -19.15 -18.58 -24.46
C ALA A 393 -19.84 -19.10 -23.22
N VAL A 394 -19.41 -20.26 -22.74
CA VAL A 394 -20.06 -20.90 -21.59
C VAL A 394 -19.51 -20.33 -20.30
N VAL A 395 -20.40 -20.02 -19.35
CA VAL A 395 -19.94 -19.50 -18.07
C VAL A 395 -19.29 -20.64 -17.29
N THR A 396 -18.23 -20.31 -16.54
CA THR A 396 -17.50 -21.28 -15.73
C THR A 396 -17.42 -20.86 -14.27
N ARG A 397 -17.23 -19.57 -14.01
CA ARG A 397 -17.14 -19.04 -12.66
C ARG A 397 -18.00 -17.79 -12.56
N THR A 398 -18.33 -17.43 -11.32
CA THR A 398 -19.20 -16.29 -11.08
C THR A 398 -18.89 -15.70 -9.71
N GLY A 399 -19.27 -14.43 -9.54
CA GLY A 399 -19.10 -13.76 -8.25
C GLY A 399 -17.64 -13.72 -7.83
N PHE A 400 -17.41 -14.11 -6.57
CA PHE A 400 -16.05 -14.10 -6.02
C PHE A 400 -15.17 -15.18 -6.63
N CYS A 401 -15.78 -16.19 -7.27
CA CYS A 401 -15.00 -17.27 -7.88
C CYS A 401 -14.16 -16.80 -9.06
N THR A 402 -14.49 -15.66 -9.66
CA THR A 402 -13.76 -15.21 -10.83
C THR A 402 -12.38 -14.70 -10.42
N ALA A 403 -11.52 -14.50 -11.42
CA ALA A 403 -10.19 -13.98 -11.16
C ALA A 403 -10.26 -12.60 -10.52
N LYS A 404 -11.09 -11.72 -11.07
CA LYS A 404 -11.35 -10.44 -10.42
C LYS A 404 -11.96 -10.68 -9.04
N GLY A 405 -12.81 -11.70 -8.91
CA GLY A 405 -13.37 -12.03 -7.61
C GLY A 405 -12.29 -12.42 -6.62
N GLY A 406 -11.32 -13.23 -7.07
CA GLY A 406 -10.22 -13.59 -6.19
C GLY A 406 -9.38 -12.40 -5.79
N LEU A 407 -9.11 -11.51 -6.75
CA LEU A 407 -8.32 -10.32 -6.46
C LEU A 407 -9.02 -9.44 -5.44
N VAL A 408 -10.32 -9.19 -5.64
CA VAL A 408 -11.05 -8.34 -4.71
C VAL A 408 -11.17 -9.02 -3.35
N SER A 409 -11.29 -10.36 -3.33
CA SER A 409 -11.33 -11.07 -2.05
C SER A 409 -10.02 -10.89 -1.29
N SER A 410 -8.89 -11.01 -1.99
CA SER A 410 -7.60 -10.78 -1.35
C SER A 410 -7.46 -9.34 -0.88
N ILE A 411 -7.98 -8.39 -1.66
CA ILE A 411 -7.93 -6.99 -1.26
C ILE A 411 -8.73 -6.78 0.03
N LEU A 412 -9.93 -7.35 0.10
CA LEU A 412 -10.80 -7.19 1.26
C LEU A 412 -10.21 -7.86 2.49
N HIS A 413 -9.69 -9.07 2.32
CA HIS A 413 -9.17 -9.86 3.43
C HIS A 413 -7.65 -9.83 3.40
N PRO A 414 -6.96 -9.10 4.29
CA PRO A 414 -5.50 -9.15 4.21
C PRO A 414 -4.93 -10.50 4.66
N LYS A 423 5.12 4.36 15.96
CA LYS A 423 5.58 3.05 15.50
C LYS A 423 4.88 1.93 16.27
N HIS A 424 5.18 0.69 15.88
CA HIS A 424 4.64 -0.49 16.55
C HIS A 424 5.19 -0.68 17.96
N SER A 425 6.45 -0.33 18.20
CA SER A 425 7.04 -0.41 19.53
C SER A 425 6.71 0.78 20.41
N MET A 426 5.94 1.76 19.93
CA MET A 426 5.58 2.91 20.74
C MET A 426 4.66 2.56 21.90
N LYS A 427 4.06 1.37 21.91
CA LYS A 427 3.09 0.97 22.91
C LYS A 427 3.69 -0.01 23.92
N PHE A 428 4.95 0.18 24.31
CA PHE A 428 5.53 -0.68 25.32
C PHE A 428 4.74 -0.54 26.62
N VAL A 429 4.57 -1.67 27.32
CA VAL A 429 3.59 -1.77 28.39
C VAL A 429 4.23 -2.03 29.74
N ALA A 430 5.26 -2.88 29.81
CA ALA A 430 5.74 -3.36 31.10
C ALA A 430 6.33 -2.22 31.91
N ALA A 431 7.25 -1.46 31.31
CA ALA A 431 7.95 -0.42 32.07
C ALA A 431 7.00 0.65 32.58
N LEU A 432 6.14 1.17 31.70
CA LEU A 432 5.22 2.22 32.10
C LEU A 432 4.25 1.71 33.16
N SER A 433 3.74 0.49 32.98
CA SER A 433 2.80 -0.08 33.94
C SER A 433 3.43 -0.26 35.30
N VAL A 434 4.62 -0.88 35.36
CA VAL A 434 5.26 -1.10 36.65
C VAL A 434 5.62 0.23 37.31
N LEU A 435 6.10 1.20 36.53
CA LEU A 435 6.45 2.48 37.13
C LEU A 435 5.22 3.19 37.69
N ALA A 436 4.11 3.17 36.95
CA ALA A 436 2.87 3.77 37.45
C ALA A 436 2.39 3.05 38.70
N LEU A 437 2.48 1.72 38.71
CA LEU A 437 2.08 0.94 39.88
C LEU A 437 2.95 1.30 41.08
N LEU A 438 4.26 1.39 40.88
CA LEU A 438 5.17 1.74 41.96
C LEU A 438 4.83 3.11 42.51
N GLY A 439 4.63 4.09 41.62
CA GLY A 439 4.26 5.42 42.06
C GLY A 439 2.96 5.42 42.83
N THR A 440 1.99 4.63 42.37
CA THR A 440 0.71 4.54 43.08
C THR A 440 0.90 3.99 44.48
N ILE A 441 1.58 2.85 44.62
CA ILE A 441 1.72 2.25 45.94
C ILE A 441 2.51 3.19 46.85
N TYR A 442 3.49 3.91 46.30
CA TYR A 442 4.19 4.92 47.09
C TYR A 442 3.23 6.01 47.53
N SER A 443 2.33 6.43 46.63
CA SER A 443 1.36 7.46 46.94
C SER A 443 0.41 7.04 48.05
N ILE A 444 -0.12 5.82 48.01
CA ILE A 444 -0.99 5.37 49.08
C ILE A 444 -0.21 5.29 50.39
N PHE A 445 1.04 4.82 50.34
CA PHE A 445 1.84 4.73 51.57
C PHE A 445 2.05 6.10 52.19
N ILE A 446 2.57 7.06 51.39
CA ILE A 446 2.86 8.39 51.92
C ILE A 446 1.58 9.12 52.31
N LEU A 447 0.49 8.91 51.58
CA LEU A 447 -0.76 9.58 51.88
C LEU A 447 -1.35 9.08 53.18
N TYR A 448 -1.32 7.77 53.43
CA TYR A 448 -1.76 7.29 54.73
C TYR A 448 -0.78 7.70 55.83
N ARG A 449 0.48 7.99 55.46
CA ARG A 449 1.40 8.60 56.42
C ARG A 449 1.07 10.07 56.67
N ASN A 450 0.40 10.74 55.73
CA ASN A 450 -0.02 12.13 55.87
C ASN A 450 -1.55 12.17 55.86
N ARG A 451 -2.14 12.10 57.06
CA ARG A 451 -3.56 11.77 57.25
C ARG A 451 -4.45 12.68 56.41
N VAL A 452 -5.13 12.10 55.41
CA VAL A 452 -6.12 12.82 54.60
C VAL A 452 -7.27 11.88 54.27
N PRO A 453 -8.44 12.43 53.91
CA PRO A 453 -9.63 11.57 53.76
C PRO A 453 -9.45 10.51 52.68
N LEU A 454 -10.29 9.47 52.77
CA LEU A 454 -10.15 8.34 51.85
C LEU A 454 -10.47 8.72 50.40
N ASN A 455 -11.54 9.48 50.17
CA ASN A 455 -11.89 9.84 48.80
C ASN A 455 -10.79 10.64 48.13
N GLU A 456 -10.19 11.58 48.87
CA GLU A 456 -9.05 12.32 48.36
C GLU A 456 -7.88 11.42 48.06
N ILE A 457 -7.61 10.43 48.93
CA ILE A 457 -6.50 9.51 48.70
C ILE A 457 -6.69 8.72 47.41
N VAL A 458 -7.90 8.17 47.20
CA VAL A 458 -8.14 7.40 45.99
C VAL A 458 -7.98 8.29 44.76
N ILE A 459 -8.55 9.50 44.79
CA ILE A 459 -8.48 10.39 43.63
C ILE A 459 -7.03 10.73 43.33
N ARG A 460 -6.25 11.07 44.35
CA ARG A 460 -4.85 11.44 44.15
C ARG A 460 -4.06 10.26 43.59
N ALA A 461 -4.25 9.07 44.16
CA ALA A 461 -3.53 7.89 43.70
C ALA A 461 -3.87 7.57 42.26
N LEU A 462 -5.14 7.68 41.90
CA LEU A 462 -5.58 7.44 40.52
C LEU A 462 -5.00 8.44 39.55
N ASP A 463 -4.94 9.72 39.91
CA ASP A 463 -4.44 10.73 38.99
C ASP A 463 -2.97 10.57 38.62
N LEU A 464 -2.14 9.99 39.49
CA LEU A 464 -0.75 9.73 39.12
C LEU A 464 -0.61 8.83 37.91
N VAL A 465 -1.51 7.86 37.69
CA VAL A 465 -1.36 7.03 36.51
C VAL A 465 -1.56 7.87 35.24
N THR A 466 -2.57 8.73 35.21
CA THR A 466 -2.77 9.60 34.06
C THR A 466 -1.61 10.57 33.90
N VAL A 467 -0.99 10.99 35.00
CA VAL A 467 0.22 11.80 34.90
C VAL A 467 1.33 11.01 34.24
N VAL A 468 1.47 9.72 34.56
CA VAL A 468 2.54 8.92 33.98
C VAL A 468 2.30 8.73 32.48
N VAL A 469 1.15 8.20 32.12
CA VAL A 469 0.81 7.89 30.73
C VAL A 469 0.05 9.08 30.17
N PRO A 470 0.58 9.80 29.17
CA PRO A 470 -0.18 10.92 28.60
C PRO A 470 -1.40 10.43 27.85
N PRO A 471 -2.61 10.91 28.15
CA PRO A 471 -3.74 10.59 27.28
C PRO A 471 -3.73 11.37 25.98
N ALA A 472 -2.86 12.38 25.86
CA ALA A 472 -2.75 13.20 24.65
C ALA A 472 -1.61 12.74 23.75
N LEU A 473 -1.00 11.58 24.03
CA LEU A 473 0.15 11.13 23.24
C LEU A 473 -0.19 10.90 21.77
N PRO A 474 -1.23 10.12 21.42
CA PRO A 474 -1.48 9.87 19.98
C PRO A 474 -1.77 11.13 19.20
N ALA A 475 -2.43 12.12 19.81
CA ALA A 475 -2.66 13.37 19.10
C ALA A 475 -1.34 14.08 18.82
N ALA A 476 -0.42 14.08 19.79
CA ALA A 476 0.90 14.65 19.55
C ALA A 476 1.65 13.91 18.43
N MET A 477 1.51 12.58 18.39
CA MET A 477 2.13 11.80 17.32
C MET A 477 1.57 12.14 15.94
N THR A 478 0.27 12.37 15.82
CA THR A 478 -0.34 12.55 14.51
C THR A 478 -0.22 13.97 13.95
N VAL A 479 0.16 14.97 14.76
CA VAL A 479 0.29 16.33 14.26
C VAL A 479 1.30 16.38 13.11
N CYS A 480 2.44 15.70 13.28
CA CYS A 480 3.46 15.75 12.24
C CYS A 480 2.98 15.06 10.97
N THR A 481 2.17 14.02 11.09
CA THR A 481 1.64 13.37 9.89
C THR A 481 0.65 14.29 9.17
N LEU A 482 -0.13 15.08 9.90
CA LEU A 482 -0.96 16.09 9.23
C LEU A 482 -0.10 17.12 8.52
N TYR A 483 0.98 17.57 9.16
CA TYR A 483 1.91 18.49 8.49
C TYR A 483 2.44 17.89 7.19
N ALA A 484 2.87 16.62 7.24
CA ALA A 484 3.40 15.97 6.05
C ALA A 484 2.32 15.82 4.99
N GLN A 485 1.09 15.50 5.40
CA GLN A 485 -0.01 15.37 4.46
C GLN A 485 -0.28 16.68 3.74
N SER A 486 -0.31 17.78 4.49
CA SER A 486 -0.52 19.08 3.85
C SER A 486 0.63 19.40 2.90
N ARG A 487 1.86 19.09 3.31
CA ARG A 487 3.00 19.34 2.42
C ARG A 487 2.86 18.56 1.13
N LEU A 488 2.50 17.27 1.22
CA LEU A 488 2.35 16.44 0.02
C LEU A 488 1.20 16.94 -0.85
N ARG A 489 0.05 17.24 -0.24
CA ARG A 489 -1.10 17.71 -0.99
C ARG A 489 -0.82 19.05 -1.66
N ARG A 490 0.10 19.85 -1.12
CA ARG A 490 0.53 21.05 -1.80
C ARG A 490 1.33 20.76 -3.07
N GLN A 491 1.76 19.51 -3.28
CA GLN A 491 2.55 19.14 -4.45
C GLN A 491 2.05 17.83 -5.07
N GLY A 492 0.73 17.70 -5.26
CA GLY A 492 0.18 16.62 -6.03
C GLY A 492 -0.29 15.41 -5.23
N ILE A 493 0.61 14.79 -4.47
CA ILE A 493 0.32 13.52 -3.81
C ILE A 493 -0.75 13.74 -2.74
N PHE A 494 -1.79 12.91 -2.77
CA PHE A 494 -2.88 12.95 -1.83
C PHE A 494 -2.92 11.65 -1.04
N CYS A 495 -3.06 11.78 0.28
CA CYS A 495 -3.03 10.66 1.22
C CYS A 495 -4.34 10.59 1.97
N ILE A 496 -4.74 9.37 2.35
CA ILE A 496 -5.99 9.14 3.08
C ILE A 496 -5.71 8.75 4.55
N HIS A 497 -4.61 8.05 4.79
CA HIS A 497 -4.17 7.65 6.13
C HIS A 497 -2.84 8.31 6.47
N PRO A 498 -2.84 9.45 7.18
CA PRO A 498 -1.57 10.13 7.47
C PRO A 498 -0.54 9.30 8.23
N LEU A 499 -0.95 8.44 9.17
CA LEU A 499 0.05 7.68 9.92
C LEU A 499 0.83 6.72 9.04
N ARG A 500 0.29 6.36 7.87
CA ARG A 500 1.04 5.53 6.94
C ARG A 500 2.25 6.25 6.41
N ILE A 501 2.26 7.59 6.45
CA ILE A 501 3.37 8.35 5.92
C ILE A 501 4.64 7.99 6.70
N ASN A 502 4.48 7.62 7.98
CA ASN A 502 5.64 7.22 8.78
C ASN A 502 6.37 6.05 8.16
N LEU A 503 5.63 5.13 7.53
CA LEU A 503 6.27 3.98 6.92
C LEU A 503 7.18 4.39 5.77
N GLY A 504 6.89 5.54 5.13
CA GLY A 504 7.75 5.99 4.06
C GLY A 504 9.14 6.29 4.56
N GLY A 505 9.27 6.65 5.84
CA GLY A 505 10.59 6.91 6.37
C GLY A 505 11.44 5.65 6.40
N LYS A 506 10.84 4.53 6.85
CA LYS A 506 11.55 3.27 6.99
C LYS A 506 11.32 2.34 5.81
N LEU A 507 11.08 2.88 4.62
CA LEU A 507 10.92 2.08 3.41
C LEU A 507 12.31 1.75 2.87
N GLN A 508 12.49 0.52 2.37
CA GLN A 508 13.79 0.06 1.91
C GLN A 508 13.68 -0.81 0.65
N LEU A 509 12.51 -0.92 0.05
CA LEU A 509 12.33 -1.73 -1.15
C LEU A 509 11.09 -1.21 -1.88
N VAL A 510 11.23 -0.97 -3.18
CA VAL A 510 10.17 -0.41 -4.01
C VAL A 510 10.01 -1.27 -5.26
N CYS A 511 8.78 -1.67 -5.53
CA CYS A 511 8.40 -2.41 -6.73
C CYS A 511 7.74 -1.44 -7.71
N PHE A 512 8.00 -1.64 -9.00
CA PHE A 512 7.51 -0.74 -10.05
C PHE A 512 6.82 -1.54 -11.14
N ASP A 513 5.60 -1.13 -11.47
CA ASP A 513 4.96 -1.61 -12.69
C ASP A 513 5.72 -1.05 -13.89
N LYS A 514 5.67 -1.76 -15.02
CA LYS A 514 6.42 -1.31 -16.20
C LYS A 514 5.59 -0.37 -17.07
N THR A 515 4.49 -0.87 -17.62
CA THR A 515 3.69 -0.09 -18.56
C THR A 515 2.93 0.99 -17.80
N GLY A 516 3.06 2.23 -18.26
CA GLY A 516 2.35 3.34 -17.67
C GLY A 516 3.06 3.99 -16.52
N THR A 517 3.79 3.23 -15.71
CA THR A 517 4.51 3.73 -14.55
C THR A 517 5.96 4.08 -14.89
N LEU A 518 6.74 3.11 -15.35
CA LEU A 518 8.14 3.35 -15.72
C LEU A 518 8.26 3.78 -17.17
N THR A 519 7.33 3.34 -18.01
CA THR A 519 7.34 3.68 -19.43
C THR A 519 6.02 4.35 -19.80
N GLU A 520 6.01 4.98 -20.97
CA GLU A 520 4.80 5.63 -21.44
C GLU A 520 3.70 4.60 -21.65
N ASP A 521 2.45 5.03 -21.46
CA ASP A 521 1.32 4.13 -21.60
C ASP A 521 0.94 3.98 -23.08
N GLY A 522 1.86 3.42 -23.85
CA GLY A 522 1.70 3.26 -25.28
C GLY A 522 3.04 3.13 -25.96
N LEU A 523 2.98 2.76 -27.24
CA LEU A 523 4.15 2.59 -28.07
C LEU A 523 4.38 3.82 -28.94
N ASP A 524 5.62 3.99 -29.39
CA ASP A 524 6.00 5.13 -30.22
C ASP A 524 6.99 4.66 -31.27
N VAL A 525 6.99 5.38 -32.39
CA VAL A 525 7.85 5.05 -33.53
C VAL A 525 9.31 5.27 -33.20
N MET A 526 10.11 4.22 -33.33
CA MET A 526 11.56 4.37 -33.25
C MET A 526 12.16 4.65 -34.62
N GLY A 527 11.52 4.21 -35.68
CA GLY A 527 12.05 4.48 -36.99
C GLY A 527 11.58 3.48 -38.02
N VAL A 528 11.86 3.83 -39.27
CA VAL A 528 11.54 2.98 -40.41
C VAL A 528 12.88 2.52 -40.94
N VAL A 529 12.89 1.35 -41.55
CA VAL A 529 14.09 0.67 -42.02
C VAL A 529 13.90 0.40 -43.50
N PRO A 530 14.22 1.34 -44.38
CA PRO A 530 14.12 1.09 -45.82
C PRO A 530 15.14 0.03 -46.24
N LEU A 531 14.84 -0.63 -47.36
CA LEU A 531 15.79 -1.57 -47.95
C LEU A 531 15.68 -1.47 -49.46
N LYS A 532 16.81 -1.26 -50.13
CA LYS A 532 16.83 -1.15 -51.58
C LYS A 532 16.98 -2.50 -52.26
N GLY A 533 18.09 -3.19 -52.01
CA GLY A 533 18.34 -4.52 -52.56
C GLY A 533 18.16 -5.60 -51.51
N GLN A 534 19.25 -6.28 -51.17
CA GLN A 534 19.24 -7.32 -50.14
C GLN A 534 19.92 -6.84 -48.86
N ALA A 535 19.79 -5.54 -48.56
CA ALA A 535 20.40 -4.99 -47.36
C ALA A 535 19.57 -3.84 -46.84
N PHE A 536 19.23 -3.88 -45.56
CA PHE A 536 18.50 -2.80 -44.92
C PHE A 536 19.39 -1.57 -44.84
N LEU A 537 18.83 -0.40 -45.18
CA LEU A 537 19.54 0.83 -44.92
C LEU A 537 19.45 1.12 -43.42
N PRO A 538 20.32 1.99 -42.89
CA PRO A 538 20.30 2.24 -41.44
C PRO A 538 18.96 2.78 -40.97
N LEU A 539 18.59 2.39 -39.75
CA LEU A 539 17.33 2.83 -39.16
C LEU A 539 17.30 4.35 -39.08
N VAL A 540 16.19 4.93 -39.50
CA VAL A 540 16.04 6.39 -39.51
C VAL A 540 15.34 6.81 -38.21
N PRO A 541 15.83 7.84 -37.51
CA PRO A 541 15.20 8.20 -36.23
C PRO A 541 13.76 8.66 -36.37
N GLU A 542 13.49 9.59 -37.30
CA GLU A 542 12.16 10.13 -37.56
C GLU A 542 11.90 9.93 -39.05
N PRO A 543 10.75 9.38 -39.45
CA PRO A 543 10.56 9.05 -40.87
C PRO A 543 10.42 10.24 -41.80
N ARG A 544 10.37 11.48 -41.28
CA ARG A 544 10.13 12.63 -42.15
C ARG A 544 11.22 12.76 -43.20
N ARG A 545 12.47 12.55 -42.83
CA ARG A 545 13.61 12.74 -43.73
C ARG A 545 13.89 11.45 -44.52
N LEU A 546 13.23 11.34 -45.65
CA LEU A 546 13.30 10.27 -46.63
C LEU A 546 12.86 10.77 -47.99
N PRO A 547 13.20 10.06 -49.08
CA PRO A 547 12.74 10.50 -50.41
C PRO A 547 11.22 10.42 -50.52
N VAL A 548 10.68 10.79 -51.68
CA VAL A 548 9.24 10.79 -51.90
C VAL A 548 8.81 9.47 -52.52
N GLY A 549 9.65 8.43 -52.38
CA GLY A 549 9.38 7.13 -52.93
C GLY A 549 8.15 6.46 -52.34
N PRO A 550 7.91 5.21 -52.77
CA PRO A 550 6.73 4.45 -52.29
C PRO A 550 6.68 4.24 -50.78
N LEU A 551 7.84 4.09 -50.14
CA LEU A 551 7.86 3.77 -48.71
C LEU A 551 7.22 4.86 -47.86
N LEU A 552 7.52 6.14 -48.14
CA LEU A 552 6.93 7.21 -47.35
C LEU A 552 5.43 7.27 -47.61
N ARG A 553 5.02 7.06 -48.86
CA ARG A 553 3.61 7.06 -49.20
C ARG A 553 2.87 5.97 -48.42
N ALA A 554 3.47 4.78 -48.33
CA ALA A 554 2.84 3.70 -47.57
C ALA A 554 2.81 4.01 -46.08
N LEU A 555 3.87 4.63 -45.54
CA LEU A 555 3.86 5.03 -44.14
C LEU A 555 2.78 6.07 -43.86
N ALA A 556 2.40 6.87 -44.85
CA ALA A 556 1.42 7.92 -44.63
C ALA A 556 -0.01 7.47 -44.90
N THR A 557 -0.23 6.48 -45.78
CA THR A 557 -1.58 6.17 -46.24
C THR A 557 -2.17 4.92 -45.59
N CYS A 558 -1.44 3.81 -45.49
CA CYS A 558 -2.02 2.52 -45.11
C CYS A 558 -2.40 2.54 -43.64
N HIS A 559 -3.71 2.56 -43.38
CA HIS A 559 -4.24 2.55 -42.02
C HIS A 559 -5.74 2.36 -42.03
N ALA A 560 -6.28 1.98 -40.86
CA ALA A 560 -7.70 1.80 -40.65
C ALA A 560 -8.47 3.08 -40.37
N LEU A 561 -7.77 4.22 -40.25
CA LEU A 561 -8.43 5.48 -39.98
C LEU A 561 -9.37 5.87 -41.12
N ASP A 571 -7.30 2.13 -32.82
CA ASP A 571 -6.02 1.77 -33.41
C ASP A 571 -4.95 2.83 -33.11
N PRO A 572 -4.41 2.82 -31.89
CA PRO A 572 -3.31 3.75 -31.58
C PRO A 572 -2.09 3.56 -32.47
N MET A 573 -1.91 2.37 -33.03
CA MET A 573 -0.69 2.06 -33.74
C MET A 573 -0.63 2.85 -35.06
N ASP A 574 -1.72 2.79 -35.82
CA ASP A 574 -1.83 3.57 -37.04
C ASP A 574 -1.85 5.07 -36.76
N LEU A 575 -2.48 5.48 -35.66
CA LEU A 575 -2.48 6.89 -35.29
C LEU A 575 -1.07 7.39 -35.06
N LYS A 576 -0.27 6.61 -34.34
CA LYS A 576 1.11 6.97 -34.11
C LYS A 576 1.90 6.98 -35.41
N MET A 577 1.66 6.00 -36.29
CA MET A 577 2.32 5.99 -37.60
C MET A 577 2.06 7.29 -38.35
N VAL A 578 0.79 7.69 -38.47
CA VAL A 578 0.43 8.90 -39.22
C VAL A 578 0.92 10.17 -38.54
N GLU A 579 0.93 10.23 -37.21
CA GLU A 579 1.44 11.42 -36.53
C GLU A 579 2.93 11.64 -36.80
N SER A 580 3.73 10.57 -36.77
CA SER A 580 5.17 10.78 -36.97
C SER A 580 5.48 11.26 -38.38
N THR A 581 4.90 10.62 -39.40
CA THR A 581 5.17 11.03 -40.77
C THR A 581 4.58 12.40 -41.08
N GLY A 582 3.50 12.79 -40.40
CA GLY A 582 2.99 14.14 -40.49
C GLY A 582 2.08 14.44 -41.66
N TRP A 583 1.76 13.45 -42.50
CA TRP A 583 0.91 13.66 -43.66
C TRP A 583 -0.55 13.77 -43.20
N VAL A 584 -1.13 14.97 -43.32
CA VAL A 584 -2.44 15.24 -42.72
C VAL A 584 -3.55 14.80 -43.67
N LEU A 585 -4.58 14.19 -43.07
CA LEU A 585 -5.75 13.61 -43.73
C LEU A 585 -6.78 14.67 -44.15
N GLU A 586 -7.49 14.40 -45.24
CA GLU A 586 -8.61 15.27 -45.64
C GLU A 586 -9.39 14.59 -46.76
N VAL A 599 -13.04 7.21 -53.68
CA VAL A 599 -11.84 7.65 -52.98
C VAL A 599 -12.21 8.00 -51.53
N LEU A 600 -11.55 7.33 -50.57
CA LEU A 600 -11.87 7.45 -49.16
C LEU A 600 -11.04 8.48 -48.41
N ALA A 601 -10.03 9.08 -49.03
CA ALA A 601 -9.25 10.14 -48.38
C ALA A 601 -8.27 10.74 -49.38
N VAL A 602 -7.68 11.87 -48.98
CA VAL A 602 -6.63 12.58 -49.69
C VAL A 602 -5.62 13.11 -48.69
N MET A 603 -4.39 12.60 -48.78
CA MET A 603 -3.32 12.98 -47.86
C MET A 603 -2.51 14.14 -48.42
N ARG A 604 -2.23 15.11 -47.53
CA ARG A 604 -1.38 16.28 -47.74
C ARG A 604 -0.04 16.13 -47.05
N PRO A 605 1.10 16.26 -47.74
CA PRO A 605 2.38 16.27 -47.02
C PRO A 605 2.63 17.62 -46.39
N PRO A 606 3.59 17.72 -45.44
CA PRO A 606 3.89 19.03 -44.87
C PRO A 606 4.52 19.99 -45.88
N PRO A 619 5.25 18.19 -51.96
CA PRO A 619 5.30 17.01 -52.84
C PRO A 619 3.97 16.81 -53.61
N VAL A 620 3.16 15.79 -53.35
CA VAL A 620 1.95 15.52 -54.12
C VAL A 620 0.80 15.13 -53.18
N PRO A 621 -0.47 15.39 -53.55
CA PRO A 621 -1.60 14.91 -52.74
C PRO A 621 -1.96 13.50 -53.16
N VAL A 622 -1.85 12.54 -52.22
CA VAL A 622 -2.10 11.13 -52.52
C VAL A 622 -3.46 10.72 -51.99
N SER A 623 -4.36 10.30 -52.89
CA SER A 623 -5.68 9.83 -52.48
C SER A 623 -5.73 8.31 -52.49
N VAL A 624 -6.50 7.79 -51.54
CA VAL A 624 -6.75 6.36 -51.39
C VAL A 624 -7.88 5.91 -52.32
N LEU A 625 -7.53 5.18 -53.38
CA LEU A 625 -8.49 4.71 -54.37
C LEU A 625 -9.33 3.54 -53.87
N HIS A 626 -8.75 2.63 -53.09
CA HIS A 626 -9.46 1.49 -52.50
C HIS A 626 -8.75 0.98 -51.26
N ARG A 627 -9.48 0.21 -50.46
CA ARG A 627 -8.97 -0.33 -49.20
C ARG A 627 -9.65 -1.65 -48.89
N PHE A 628 -9.12 -2.35 -47.87
CA PHE A 628 -9.68 -3.59 -47.36
C PHE A 628 -9.61 -3.59 -45.83
N PRO A 629 -10.52 -4.26 -45.13
CA PRO A 629 -10.45 -4.29 -43.66
C PRO A 629 -9.25 -5.10 -43.18
N PHE A 630 -8.80 -4.77 -41.98
CA PHE A 630 -7.70 -5.52 -41.36
C PHE A 630 -8.26 -6.85 -40.86
N SER A 631 -8.07 -7.90 -41.65
CA SER A 631 -8.58 -9.22 -41.33
C SER A 631 -7.95 -9.74 -40.04
N SER A 632 -8.80 -10.08 -39.06
CA SER A 632 -8.31 -10.54 -37.77
C SER A 632 -7.57 -11.86 -37.86
N ALA A 633 -8.08 -12.81 -38.65
CA ALA A 633 -7.42 -14.12 -38.77
C ALA A 633 -6.04 -13.99 -39.40
N LEU A 634 -5.96 -13.56 -40.65
CA LEU A 634 -4.69 -13.35 -41.34
C LEU A 634 -4.32 -11.89 -41.18
N GLN A 635 -3.29 -11.64 -40.37
CA GLN A 635 -2.98 -10.27 -39.95
C GLN A 635 -2.34 -9.45 -41.07
N ARG A 636 -3.12 -9.16 -42.11
CA ARG A 636 -2.67 -8.34 -43.22
C ARG A 636 -3.63 -7.17 -43.35
N MET A 637 -3.12 -6.05 -43.87
CA MET A 637 -4.00 -4.92 -44.18
C MET A 637 -3.50 -4.21 -45.43
N SER A 638 -4.31 -4.20 -46.49
CA SER A 638 -3.91 -3.68 -47.78
C SER A 638 -4.72 -2.44 -48.11
N VAL A 639 -4.08 -1.52 -48.84
CA VAL A 639 -4.69 -0.27 -49.26
C VAL A 639 -4.12 0.09 -50.62
N VAL A 640 -4.98 0.51 -51.54
CA VAL A 640 -4.61 0.89 -52.90
C VAL A 640 -4.78 2.39 -53.06
N VAL A 641 -3.75 3.05 -53.57
CA VAL A 641 -3.72 4.51 -53.61
C VAL A 641 -3.30 4.96 -55.01
N ALA A 642 -3.57 6.23 -55.30
CA ALA A 642 -3.20 6.86 -56.55
C ALA A 642 -3.12 8.36 -56.33
N TRP A 643 -2.34 9.03 -57.17
CA TRP A 643 -2.04 10.44 -57.01
C TRP A 643 -2.15 11.09 -58.38
N PRO A 644 -2.09 12.44 -58.45
CA PRO A 644 -2.14 13.08 -59.78
C PRO A 644 -1.02 12.64 -60.71
N GLY A 645 0.15 12.34 -60.17
CA GLY A 645 1.24 11.82 -60.97
C GLY A 645 1.00 10.39 -61.41
N GLN A 648 1.06 5.22 -61.70
CA GLN A 648 0.02 4.21 -61.86
C GLN A 648 -0.56 3.87 -60.48
N PRO A 649 -1.78 3.27 -60.44
CA PRO A 649 -2.33 2.87 -59.14
C PRO A 649 -1.41 1.89 -58.43
N GLU A 650 -1.26 2.00 -57.11
CA GLU A 650 -0.25 1.20 -56.41
C GLU A 650 -0.82 0.72 -55.08
N ALA A 651 -0.56 -0.55 -54.77
CA ALA A 651 -1.03 -1.20 -53.56
C ALA A 651 0.07 -1.32 -52.53
N TYR A 652 -0.30 -1.09 -51.26
CA TYR A 652 0.57 -1.24 -50.09
C TYR A 652 -0.05 -2.17 -49.08
N VAL A 653 0.77 -3.08 -48.55
CA VAL A 653 0.34 -4.10 -47.59
C VAL A 653 1.16 -3.92 -46.32
N LYS A 654 0.48 -3.80 -45.19
CA LYS A 654 1.10 -3.70 -43.88
C LYS A 654 0.77 -4.95 -43.08
N GLY A 655 1.78 -5.58 -42.51
CA GLY A 655 1.51 -6.78 -41.74
C GLY A 655 2.68 -7.21 -40.89
N SER A 656 2.58 -8.40 -40.31
CA SER A 656 3.64 -8.95 -39.49
C SER A 656 4.88 -9.24 -40.32
N PRO A 657 6.07 -9.21 -39.71
CA PRO A 657 7.30 -9.37 -40.52
C PRO A 657 7.39 -10.69 -41.26
N GLU A 658 7.29 -11.82 -40.54
CA GLU A 658 7.56 -13.12 -41.16
C GLU A 658 6.51 -13.45 -42.22
N LEU A 659 5.23 -13.19 -41.93
CA LEU A 659 4.17 -13.57 -42.87
C LEU A 659 4.26 -12.74 -44.14
N VAL A 660 4.39 -11.42 -43.99
CA VAL A 660 4.50 -10.55 -45.14
C VAL A 660 5.75 -10.86 -45.94
N ALA A 661 6.87 -11.15 -45.27
CA ALA A 661 8.07 -11.53 -45.99
C ALA A 661 7.84 -12.79 -46.81
N GLY A 662 7.11 -13.77 -46.25
CA GLY A 662 6.76 -14.93 -47.03
C GLY A 662 5.89 -14.60 -48.23
N LEU A 663 4.99 -13.62 -48.08
CA LEU A 663 4.21 -13.13 -49.20
C LEU A 663 5.03 -12.43 -50.28
N CYS A 664 6.16 -11.82 -49.91
CA CYS A 664 6.90 -11.01 -50.85
C CYS A 664 7.76 -11.86 -51.77
N ASN A 665 8.30 -11.23 -52.80
CA ASN A 665 9.19 -11.92 -53.72
C ASN A 665 10.55 -12.10 -53.07
N PRO A 666 11.08 -13.33 -52.95
CA PRO A 666 12.41 -13.50 -52.34
C PRO A 666 13.53 -12.73 -53.02
N GLU A 667 13.35 -12.30 -54.27
CA GLU A 667 14.37 -11.49 -54.92
C GLU A 667 14.65 -10.22 -54.10
N THR A 668 13.59 -9.48 -53.74
CA THR A 668 13.75 -8.27 -52.96
C THR A 668 13.94 -8.50 -51.46
N VAL A 669 13.27 -9.47 -50.87
CA VAL A 669 13.44 -9.75 -49.43
C VAL A 669 14.87 -10.22 -49.15
N PRO A 670 15.56 -9.67 -48.15
CA PRO A 670 16.98 -9.97 -48.00
C PRO A 670 17.20 -11.32 -47.34
N THR A 671 18.45 -11.78 -47.39
CA THR A 671 18.81 -13.04 -46.76
C THR A 671 18.67 -13.02 -45.23
N ASP A 672 18.99 -11.90 -44.58
CA ASP A 672 19.13 -11.83 -43.14
C ASP A 672 17.88 -11.29 -42.46
N PHE A 673 16.70 -11.64 -42.98
CA PHE A 673 15.45 -11.20 -42.37
C PHE A 673 15.27 -11.84 -40.99
N ALA A 674 15.84 -13.03 -40.81
CA ALA A 674 15.70 -13.77 -39.56
C ALA A 674 16.56 -13.19 -38.46
N GLN A 675 17.72 -12.64 -38.79
CA GLN A 675 18.60 -12.15 -37.73
C GLN A 675 18.21 -10.72 -37.38
N MET A 676 17.89 -9.90 -38.38
CA MET A 676 17.37 -8.56 -38.08
C MET A 676 16.05 -8.64 -37.32
N LEU A 677 15.32 -9.75 -37.47
CA LEU A 677 14.06 -9.87 -36.76
C LEU A 677 14.28 -10.41 -35.36
N GLN A 678 15.16 -11.39 -35.19
CA GLN A 678 15.43 -11.79 -33.82
C GLN A 678 16.12 -10.67 -33.05
N SER A 679 16.90 -9.82 -33.75
CA SER A 679 17.54 -8.68 -33.13
C SER A 679 16.52 -7.69 -32.58
N TYR A 680 15.36 -7.56 -33.25
CA TYR A 680 14.36 -6.61 -32.75
C TYR A 680 13.39 -7.27 -31.77
N THR A 681 12.87 -8.45 -32.11
CA THR A 681 11.93 -9.11 -31.21
C THR A 681 12.57 -9.50 -29.87
N ALA A 682 13.81 -9.99 -29.89
CA ALA A 682 14.50 -10.30 -28.65
C ALA A 682 14.79 -9.07 -27.80
N ALA A 683 14.85 -7.88 -28.40
CA ALA A 683 15.09 -6.65 -27.66
C ALA A 683 13.81 -5.95 -27.24
N GLY A 684 12.66 -6.63 -27.24
CA GLY A 684 11.43 -6.06 -26.76
C GLY A 684 10.69 -5.17 -27.75
N TYR A 685 11.21 -4.99 -28.96
CA TYR A 685 10.58 -4.13 -29.93
C TYR A 685 9.57 -4.91 -30.76
N ARG A 686 8.73 -4.18 -31.48
CA ARG A 686 7.69 -4.76 -32.34
C ARG A 686 7.83 -4.20 -33.75
N VAL A 687 8.06 -5.09 -34.70
CA VAL A 687 8.36 -4.71 -36.07
C VAL A 687 7.12 -4.92 -36.92
N VAL A 688 6.96 -4.10 -37.96
CA VAL A 688 5.85 -4.22 -38.91
C VAL A 688 6.44 -4.10 -40.31
N ALA A 689 6.03 -4.99 -41.21
CA ALA A 689 6.54 -5.04 -42.57
C ALA A 689 5.64 -4.25 -43.51
N LEU A 690 6.25 -3.44 -44.37
CA LEU A 690 5.56 -2.73 -45.45
C LEU A 690 5.99 -3.30 -46.80
N ALA A 691 5.00 -3.73 -47.59
CA ALA A 691 5.24 -4.26 -48.94
C ALA A 691 4.39 -3.47 -49.93
N SER A 692 4.72 -3.59 -51.22
CA SER A 692 3.97 -2.85 -52.23
C SER A 692 4.12 -3.42 -53.62
N LYS A 693 3.31 -2.90 -54.55
CA LYS A 693 3.37 -3.23 -55.97
C LYS A 693 2.59 -2.20 -56.79
N PRO A 694 3.13 -1.75 -57.93
CA PRO A 694 2.35 -0.85 -58.80
C PRO A 694 1.30 -1.61 -59.60
N LEU A 695 0.04 -1.37 -59.26
CA LEU A 695 -1.09 -1.99 -59.96
C LEU A 695 -1.44 -1.23 -61.23
N ASP A 710 -7.31 -11.04 -54.05
CA ASP A 710 -6.20 -11.96 -54.19
C ASP A 710 -5.13 -11.32 -55.08
N THR A 711 -5.59 -10.57 -56.09
CA THR A 711 -4.64 -9.88 -56.97
C THR A 711 -3.80 -8.87 -56.21
N VAL A 712 -4.31 -8.33 -55.10
CA VAL A 712 -3.59 -7.26 -54.41
C VAL A 712 -2.63 -7.83 -53.39
N GLU A 713 -3.06 -8.84 -52.61
CA GLU A 713 -2.24 -9.41 -51.54
C GLU A 713 -1.38 -10.56 -52.05
N GLY A 714 -1.06 -10.57 -53.35
CA GLY A 714 -0.27 -11.65 -53.91
C GLY A 714 1.21 -11.33 -53.98
N ASP A 715 1.61 -11.05 -55.22
CA ASP A 715 2.96 -10.62 -55.57
C ASP A 715 3.32 -9.33 -54.84
N LEU A 716 4.32 -9.40 -53.96
CA LEU A 716 4.67 -8.25 -53.13
C LEU A 716 6.19 -8.17 -53.03
N SER A 717 6.68 -6.97 -52.71
CA SER A 717 8.09 -6.74 -52.41
C SER A 717 8.17 -5.85 -51.18
N LEU A 718 9.11 -6.15 -50.29
CA LEU A 718 9.23 -5.37 -49.05
C LEU A 718 9.79 -3.98 -49.30
N LEU A 719 9.16 -2.97 -48.72
CA LEU A 719 9.66 -1.59 -48.78
C LEU A 719 10.39 -1.21 -47.51
N GLY A 720 10.12 -1.89 -46.40
CA GLY A 720 10.82 -1.55 -45.18
C GLY A 720 10.17 -2.16 -43.96
N LEU A 721 10.75 -1.82 -42.81
CA LEU A 721 10.25 -2.27 -41.51
C LEU A 721 10.13 -1.10 -40.54
N LEU A 722 8.97 -0.97 -39.90
CA LEU A 722 8.74 0.07 -38.89
C LEU A 722 8.80 -0.55 -37.50
N VAL A 723 9.67 -0.01 -36.63
CA VAL A 723 9.93 -0.61 -35.32
C VAL A 723 9.38 0.28 -34.22
N MET A 724 8.63 -0.34 -33.31
CA MET A 724 7.98 0.32 -32.17
C MET A 724 8.53 -0.19 -30.84
N ARG A 725 8.51 0.70 -29.84
CA ARG A 725 9.09 0.49 -28.52
C ARG A 725 8.23 1.29 -27.55
N ASN A 726 8.10 0.75 -26.34
CA ASN A 726 7.39 1.41 -25.26
C ASN A 726 8.48 2.21 -24.55
N LEU A 727 8.51 3.51 -24.82
CA LEU A 727 9.62 4.35 -24.37
C LEU A 727 9.56 4.60 -22.87
N LEU A 728 10.75 4.67 -22.28
CA LEU A 728 10.87 5.10 -20.89
C LEU A 728 10.41 6.54 -20.75
N LYS A 729 9.72 6.82 -19.66
CA LYS A 729 9.31 8.19 -19.41
C LYS A 729 10.55 9.06 -19.20
N PRO A 730 10.50 10.36 -19.53
CA PRO A 730 11.73 11.17 -19.47
C PRO A 730 12.32 11.27 -18.08
N GLN A 731 11.52 11.06 -17.03
CA GLN A 731 11.99 11.07 -15.65
C GLN A 731 11.73 9.72 -14.98
N THR A 732 12.58 8.74 -15.27
CA THR A 732 12.65 7.49 -14.52
C THR A 732 14.10 7.14 -14.20
N THR A 733 15.02 7.36 -15.15
CA THR A 733 16.42 7.06 -14.88
C THR A 733 16.99 7.92 -13.76
N PRO A 734 16.79 9.25 -13.73
CA PRO A 734 17.31 10.01 -12.58
C PRO A 734 16.73 9.52 -11.26
N VAL A 735 15.43 9.21 -11.23
CA VAL A 735 14.81 8.76 -10.00
C VAL A 735 15.33 7.39 -9.60
N ILE A 736 15.45 6.48 -10.57
CA ILE A 736 15.91 5.13 -10.27
C ILE A 736 17.34 5.17 -9.75
N GLN A 737 18.21 5.96 -10.39
CA GLN A 737 19.59 6.05 -9.93
C GLN A 737 19.67 6.76 -8.58
N ALA A 738 18.81 7.74 -8.34
CA ALA A 738 18.77 8.39 -7.03
C ALA A 738 18.41 7.40 -5.94
N LEU A 739 17.42 6.54 -6.19
CA LEU A 739 17.10 5.51 -5.21
C LEU A 739 18.26 4.54 -5.04
N ARG A 740 18.89 4.14 -6.15
CA ARG A 740 19.96 3.15 -6.09
C ARG A 740 21.18 3.66 -5.33
N ARG A 741 21.52 4.95 -5.46
CA ARG A 741 22.70 5.45 -4.76
C ARG A 741 22.47 5.58 -3.26
N THR A 742 21.23 5.44 -2.79
CA THR A 742 20.94 5.40 -1.36
C THR A 742 20.58 4.02 -0.85
N ARG A 743 20.83 2.97 -1.65
CA ARG A 743 20.62 1.60 -1.21
C ARG A 743 19.16 1.36 -0.88
N ILE A 744 18.29 1.92 -1.72
CA ILE A 744 16.88 1.61 -1.77
C ILE A 744 16.68 0.73 -3.00
N ARG A 745 16.28 -0.51 -2.76
CA ARG A 745 16.19 -1.49 -3.84
C ARG A 745 14.99 -1.23 -4.74
N ALA A 746 15.24 -1.23 -6.04
CA ALA A 746 14.22 -1.04 -7.05
C ALA A 746 13.99 -2.38 -7.73
N VAL A 747 12.73 -2.75 -7.90
CA VAL A 747 12.35 -4.03 -8.51
C VAL A 747 11.34 -3.72 -9.61
N MET A 748 11.35 -4.54 -10.65
CA MET A 748 10.36 -4.42 -11.72
C MET A 748 9.41 -5.60 -11.59
N VAL A 749 8.11 -5.32 -11.56
CA VAL A 749 7.09 -6.34 -11.43
C VAL A 749 6.01 -6.06 -12.47
N THR A 750 6.03 -6.83 -13.56
CA THR A 750 5.32 -6.52 -14.79
C THR A 750 4.46 -7.71 -15.15
N GLY A 751 3.33 -7.44 -15.82
CA GLY A 751 2.67 -8.47 -16.60
C GLY A 751 3.12 -8.59 -18.05
N ASP A 752 4.13 -7.82 -18.45
CA ASP A 752 4.62 -7.89 -19.82
C ASP A 752 5.50 -9.12 -20.00
N ASN A 753 5.95 -9.33 -21.23
CA ASN A 753 6.88 -10.42 -21.50
C ASN A 753 8.23 -10.12 -20.86
N LEU A 754 9.09 -11.15 -20.84
CA LEU A 754 10.37 -11.02 -20.16
C LEU A 754 11.36 -10.18 -20.95
N GLN A 755 11.30 -10.22 -22.28
CA GLN A 755 12.29 -9.52 -23.10
C GLN A 755 12.15 -8.01 -22.96
N THR A 756 10.93 -7.49 -23.10
CA THR A 756 10.69 -6.07 -22.88
C THR A 756 11.07 -5.66 -21.47
N ALA A 757 10.74 -6.50 -20.49
CA ALA A 757 11.05 -6.19 -19.10
C ALA A 757 12.55 -6.03 -18.88
N VAL A 758 13.35 -6.97 -19.39
CA VAL A 758 14.79 -6.91 -19.15
C VAL A 758 15.40 -5.75 -19.92
N THR A 759 14.94 -5.51 -21.15
CA THR A 759 15.48 -4.38 -21.90
C THR A 759 15.19 -3.06 -21.21
N VAL A 760 13.96 -2.90 -20.71
CA VAL A 760 13.63 -1.66 -20.00
C VAL A 760 14.43 -1.57 -18.70
N ALA A 761 14.62 -2.69 -18.01
CA ALA A 761 15.36 -2.66 -16.76
C ALA A 761 16.81 -2.24 -16.99
N ARG A 762 17.44 -2.77 -18.04
CA ARG A 762 18.79 -2.34 -18.37
C ARG A 762 18.83 -0.88 -18.79
N GLY A 763 17.86 -0.45 -19.60
CA GLY A 763 17.88 0.92 -20.09
C GLY A 763 17.68 1.95 -19.00
N CYS A 764 16.76 1.70 -18.08
CA CYS A 764 16.39 2.69 -17.06
C CYS A 764 17.37 2.72 -15.89
N GLY A 765 18.29 1.76 -15.79
CA GLY A 765 19.30 1.79 -14.76
C GLY A 765 19.05 0.89 -13.55
N MET A 766 17.97 0.09 -13.56
CA MET A 766 17.78 -0.86 -12.47
C MET A 766 18.89 -1.91 -12.46
N VAL A 767 19.40 -2.26 -13.64
CA VAL A 767 20.52 -3.18 -13.79
C VAL A 767 21.64 -2.38 -14.46
N ALA A 768 22.72 -2.15 -13.72
CA ALA A 768 23.84 -1.40 -14.25
C ALA A 768 24.53 -2.22 -15.35
N PRO A 769 25.22 -1.57 -16.29
CA PRO A 769 25.84 -2.34 -17.38
C PRO A 769 26.88 -3.34 -16.90
N GLN A 770 27.48 -3.10 -15.73
CA GLN A 770 28.51 -3.99 -15.20
C GLN A 770 27.96 -5.08 -14.28
N GLU A 771 26.67 -5.07 -13.97
CA GLU A 771 26.13 -6.06 -13.05
C GLU A 771 25.66 -7.27 -13.84
N HIS A 772 25.91 -8.46 -13.30
CA HIS A 772 25.50 -9.68 -13.97
C HIS A 772 23.97 -9.73 -13.96
N LEU A 773 23.42 -10.63 -14.75
CA LEU A 773 21.97 -10.86 -14.84
C LEU A 773 21.72 -12.25 -15.40
N ILE A 774 20.85 -12.99 -14.72
CA ILE A 774 20.60 -14.41 -14.97
C ILE A 774 19.10 -14.63 -15.08
N ILE A 775 18.68 -15.42 -16.05
CA ILE A 775 17.27 -15.74 -16.23
C ILE A 775 17.06 -17.12 -15.61
N VAL A 776 16.21 -17.19 -14.58
CA VAL A 776 15.90 -18.48 -13.96
C VAL A 776 14.60 -19.02 -14.56
N HIS A 777 14.66 -20.26 -15.07
CA HIS A 777 13.48 -20.90 -15.66
C HIS A 777 13.22 -22.22 -14.96
N ALA A 778 11.95 -22.48 -14.62
CA ALA A 778 11.54 -23.67 -13.91
C ALA A 778 10.52 -24.43 -14.75
N THR A 779 10.94 -25.58 -15.27
CA THR A 779 10.05 -26.42 -16.05
C THR A 779 9.04 -27.07 -15.13
N HIS A 780 7.81 -27.23 -15.65
CA HIS A 780 6.72 -27.76 -14.86
C HIS A 780 6.97 -29.24 -14.58
N PRO A 781 6.43 -29.78 -13.48
CA PRO A 781 6.69 -31.20 -13.20
C PRO A 781 5.97 -32.06 -14.23
N GLU A 782 6.76 -32.75 -15.05
CA GLU A 782 6.26 -33.62 -16.10
C GLU A 782 5.59 -34.89 -15.59
N ARG A 783 5.72 -35.19 -14.30
CA ARG A 783 5.23 -36.41 -13.63
C ARG A 783 6.11 -37.63 -13.89
N GLY A 784 7.11 -37.53 -14.77
CA GLY A 784 8.12 -38.57 -14.92
C GLY A 784 9.42 -38.20 -14.25
N GLN A 785 9.71 -36.91 -14.20
CA GLN A 785 10.87 -36.34 -13.53
C GLN A 785 10.40 -35.10 -12.76
N PRO A 786 10.94 -34.86 -11.53
CA PRO A 786 10.48 -33.66 -10.81
C PRO A 786 10.93 -32.39 -11.50
N ALA A 787 10.35 -31.26 -11.08
CA ALA A 787 10.81 -29.96 -11.57
C ALA A 787 12.25 -29.67 -11.14
N SER A 788 12.98 -29.01 -12.02
CA SER A 788 14.38 -28.66 -11.78
C SER A 788 14.59 -27.27 -12.35
N LEU A 789 15.35 -26.43 -11.64
CA LEU A 789 15.57 -25.06 -12.06
C LEU A 789 16.74 -25.05 -13.03
N GLU A 790 16.73 -24.15 -14.01
CA GLU A 790 17.88 -23.99 -14.89
C GLU A 790 18.13 -22.50 -15.10
N PHE A 791 19.40 -22.12 -14.95
CA PHE A 791 19.84 -20.74 -14.98
C PHE A 791 20.59 -20.41 -16.27
N LEU A 792 20.13 -19.39 -16.99
CA LEU A 792 20.75 -18.97 -18.26
C LEU A 792 21.30 -17.58 -18.05
N PRO A 793 22.63 -17.37 -17.99
CA PRO A 793 23.11 -15.99 -17.94
C PRO A 793 22.87 -15.27 -19.25
N MET A 794 23.27 -14.00 -19.30
CA MET A 794 23.16 -13.16 -20.48
C MET A 794 24.39 -12.25 -20.55
N GLU A 795 24.32 -11.27 -21.46
CA GLU A 795 25.41 -10.30 -21.61
C GLU A 795 25.62 -9.56 -20.30
N SER A 796 26.88 -9.38 -19.93
CA SER A 796 27.23 -8.68 -18.70
C SER A 796 28.57 -7.97 -18.84
N SER A 820 27.28 -6.99 -8.10
CA SER A 820 25.90 -7.33 -7.78
C SER A 820 25.29 -8.22 -8.85
N ARG A 821 24.73 -9.34 -8.41
CA ARG A 821 24.04 -10.28 -9.29
C ARG A 821 22.56 -9.93 -9.36
N HIS A 822 21.96 -10.17 -10.53
CA HIS A 822 20.54 -9.88 -10.73
C HIS A 822 19.86 -11.12 -11.29
N LEU A 823 18.64 -11.39 -10.81
CA LEU A 823 17.86 -12.52 -11.29
C LEU A 823 16.53 -12.05 -11.88
N ALA A 824 16.22 -12.62 -13.05
CA ALA A 824 15.00 -12.37 -13.80
C ALA A 824 14.13 -13.61 -13.78
N LEU A 825 13.09 -13.55 -12.97
CA LEU A 825 12.16 -14.66 -12.75
C LEU A 825 10.93 -14.47 -13.64
N SER A 826 10.39 -15.58 -14.15
CA SER A 826 9.18 -15.57 -14.98
C SER A 826 7.95 -15.73 -14.10
N GLY A 827 6.77 -15.82 -14.74
CA GLY A 827 5.52 -15.93 -14.03
C GLY A 827 5.19 -17.34 -13.58
N PRO A 828 5.03 -18.25 -14.55
CA PRO A 828 4.81 -19.65 -14.15
C PRO A 828 5.98 -20.18 -13.37
N THR A 829 7.19 -19.74 -13.70
CA THR A 829 8.35 -20.20 -12.97
C THR A 829 8.32 -19.64 -11.55
N PHE A 830 7.73 -18.45 -11.36
CA PHE A 830 7.54 -17.90 -10.03
C PHE A 830 6.63 -18.80 -9.20
N GLY A 831 5.48 -19.19 -9.77
CA GLY A 831 4.60 -20.10 -9.05
C GLY A 831 5.27 -21.44 -8.78
N ILE A 832 6.06 -21.93 -9.74
CA ILE A 832 6.76 -23.20 -9.58
C ILE A 832 7.76 -23.10 -8.42
N ILE A 833 8.49 -21.99 -8.34
CA ILE A 833 9.46 -21.81 -7.27
C ILE A 833 8.74 -21.70 -5.92
N VAL A 834 7.57 -21.05 -5.91
CA VAL A 834 6.83 -20.92 -4.67
C VAL A 834 6.35 -22.28 -4.18
N LYS A 835 5.88 -23.13 -5.11
CA LYS A 835 5.29 -24.41 -4.73
C LYS A 835 6.29 -25.52 -4.47
N HIS A 836 7.26 -25.71 -5.37
CA HIS A 836 8.15 -26.88 -5.32
C HIS A 836 9.54 -26.60 -4.75
N PHE A 837 9.91 -25.34 -4.54
CA PHE A 837 11.21 -24.99 -3.95
C PHE A 837 11.06 -23.90 -2.90
N PRO A 838 10.36 -24.19 -1.80
CA PRO A 838 10.22 -23.17 -0.73
C PRO A 838 11.55 -22.78 -0.10
N LYS A 839 12.50 -23.72 -0.02
CA LYS A 839 13.76 -23.46 0.67
C LYS A 839 14.62 -22.47 -0.10
N LEU A 840 14.59 -22.51 -1.42
CA LEU A 840 15.38 -21.65 -2.28
C LEU A 840 14.69 -20.32 -2.59
N LEU A 841 13.41 -20.18 -2.23
CA LEU A 841 12.70 -18.93 -2.51
C LEU A 841 13.31 -17.71 -1.84
N PRO A 842 13.73 -17.76 -0.57
CA PRO A 842 14.39 -16.57 0.00
C PRO A 842 15.62 -16.12 -0.77
N LYS A 843 16.46 -17.05 -1.23
CA LYS A 843 17.65 -16.67 -1.97
C LYS A 843 17.29 -15.97 -3.28
N VAL A 844 16.29 -16.48 -3.98
CA VAL A 844 15.88 -15.83 -5.24
C VAL A 844 15.30 -14.44 -4.94
N LEU A 845 14.46 -14.33 -3.91
CA LEU A 845 13.86 -13.04 -3.60
C LEU A 845 14.89 -12.02 -3.17
N VAL A 846 15.99 -12.48 -2.56
CA VAL A 846 17.01 -11.56 -2.09
C VAL A 846 17.69 -10.84 -3.25
N GLN A 847 17.92 -11.52 -4.37
CA GLN A 847 18.67 -10.96 -5.49
C GLN A 847 17.90 -11.03 -6.81
N GLY A 848 16.57 -10.93 -6.74
CA GLY A 848 15.73 -10.86 -7.93
C GLY A 848 15.29 -9.43 -8.17
N THR A 849 15.38 -9.00 -9.44
CA THR A 849 15.10 -7.61 -9.82
C THR A 849 13.99 -7.45 -10.85
N VAL A 850 13.70 -8.48 -11.65
CA VAL A 850 12.70 -8.43 -12.69
C VAL A 850 11.76 -9.60 -12.49
N PHE A 851 10.46 -9.32 -12.50
CA PHE A 851 9.40 -10.33 -12.33
C PHE A 851 8.36 -10.11 -13.42
N ALA A 852 8.42 -10.92 -14.47
CA ALA A 852 7.59 -10.77 -15.66
C ALA A 852 6.47 -11.81 -15.65
N ARG A 853 5.43 -11.51 -16.43
CA ARG A 853 4.26 -12.39 -16.52
C ARG A 853 3.62 -12.67 -15.16
N MET A 854 3.55 -11.65 -14.29
CA MET A 854 2.97 -11.84 -12.97
C MET A 854 1.46 -11.69 -13.05
N ALA A 855 0.75 -12.65 -12.48
CA ALA A 855 -0.69 -12.54 -12.39
C ALA A 855 -1.04 -11.51 -11.33
N PRO A 856 -2.26 -10.97 -11.34
CA PRO A 856 -2.63 -10.00 -10.30
C PRO A 856 -2.47 -10.55 -8.88
N GLU A 857 -2.78 -11.83 -8.68
CA GLU A 857 -2.56 -12.45 -7.37
C GLU A 857 -1.08 -12.73 -7.12
N GLN A 858 -0.30 -12.98 -8.17
CA GLN A 858 1.11 -13.26 -7.98
C GLN A 858 1.87 -12.04 -7.48
N LYS A 859 1.46 -10.84 -7.90
CA LYS A 859 2.09 -9.63 -7.37
C LYS A 859 1.87 -9.53 -5.85
N THR A 860 0.64 -9.78 -5.41
CA THR A 860 0.36 -9.76 -3.98
C THR A 860 1.14 -10.85 -3.26
N GLU A 861 1.24 -12.03 -3.87
CA GLU A 861 2.02 -13.12 -3.25
C GLU A 861 3.48 -12.71 -3.09
N LEU A 862 4.07 -12.13 -4.13
CA LEU A 862 5.46 -11.68 -4.05
C LEU A 862 5.62 -10.61 -2.98
N VAL A 863 4.69 -9.66 -2.90
CA VAL A 863 4.77 -8.61 -1.89
C VAL A 863 4.71 -9.22 -0.50
N CYS A 864 3.79 -10.17 -0.29
CA CYS A 864 3.66 -10.80 1.01
C CYS A 864 4.91 -11.57 1.38
N GLU A 865 5.50 -12.30 0.43
CA GLU A 865 6.72 -13.05 0.71
C GLU A 865 7.86 -12.11 1.05
N LEU A 866 8.01 -11.02 0.30
CA LEU A 866 9.06 -10.05 0.59
C LEU A 866 8.87 -9.43 1.97
N GLN A 867 7.63 -9.14 2.34
CA GLN A 867 7.34 -8.63 3.67
C GLN A 867 7.69 -9.65 4.75
N LYS A 868 7.45 -10.94 4.47
CA LYS A 868 7.88 -12.00 5.38
C LYS A 868 9.39 -12.03 5.58
N LEU A 869 10.17 -11.51 4.63
CA LEU A 869 11.62 -11.40 4.77
C LEU A 869 12.03 -10.15 5.57
N GLN A 870 11.13 -9.56 6.36
CA GLN A 870 11.42 -8.39 7.19
C GLN A 870 11.86 -7.21 6.33
N TYR A 871 11.12 -6.96 5.26
CA TYR A 871 11.28 -5.78 4.43
C TYR A 871 10.15 -4.81 4.74
N CYS A 872 10.34 -3.56 4.32
CA CYS A 872 9.27 -2.56 4.29
C CYS A 872 9.10 -2.21 2.81
N VAL A 873 8.16 -2.87 2.15
CA VAL A 873 8.03 -2.80 0.70
C VAL A 873 6.92 -1.84 0.34
N GLY A 874 7.19 -0.97 -0.63
CA GLY A 874 6.17 -0.19 -1.28
C GLY A 874 6.11 -0.56 -2.75
N MET A 875 5.05 -0.17 -3.44
CA MET A 875 4.97 -0.41 -4.88
C MET A 875 4.25 0.78 -5.51
N CYS A 876 4.62 1.12 -6.74
CA CYS A 876 4.10 2.29 -7.46
C CYS A 876 3.33 1.91 -8.72
N GLY A 877 2.46 0.93 -8.64
CA GLY A 877 1.63 0.55 -9.77
C GLY A 877 0.67 1.65 -10.17
N ASP A 878 0.12 1.52 -11.38
CA ASP A 878 -0.81 2.51 -11.92
C ASP A 878 -2.09 1.87 -12.44
N GLY A 879 -2.00 0.63 -12.92
CA GLY A 879 -3.11 -0.03 -13.58
C GLY A 879 -4.04 -0.71 -12.60
N ALA A 880 -5.07 -1.34 -13.17
CA ALA A 880 -6.04 -2.10 -12.40
C ALA A 880 -5.51 -3.46 -11.94
N ASN A 881 -4.62 -4.08 -12.69
CA ASN A 881 -4.09 -5.40 -12.36
C ASN A 881 -3.32 -5.41 -11.05
N ASP A 882 -2.53 -4.37 -10.80
CA ASP A 882 -1.70 -4.26 -9.59
C ASP A 882 -2.43 -3.42 -8.55
N CYS A 883 -3.52 -3.94 -8.02
CA CYS A 883 -4.28 -3.32 -6.92
C CYS A 883 -4.16 -4.09 -5.61
N GLY A 884 -4.20 -5.41 -5.68
CA GLY A 884 -3.94 -6.20 -4.48
C GLY A 884 -2.53 -5.96 -3.96
N ALA A 885 -1.56 -5.84 -4.85
CA ALA A 885 -0.20 -5.55 -4.41
C ALA A 885 -0.12 -4.17 -3.75
N LEU A 886 -0.83 -3.18 -4.28
CA LEU A 886 -0.85 -1.87 -3.64
C LEU A 886 -1.46 -1.92 -2.26
N LYS A 887 -2.55 -2.67 -2.09
CA LYS A 887 -3.14 -2.82 -0.76
C LYS A 887 -2.19 -3.53 0.19
N ALA A 888 -1.52 -4.59 -0.29
CA ALA A 888 -0.64 -5.37 0.57
C ALA A 888 0.64 -4.64 0.88
N ALA A 889 1.10 -3.76 0.00
CA ALA A 889 2.37 -3.08 0.21
C ALA A 889 2.29 -2.16 1.42
N ASP A 890 3.44 -1.96 2.08
CA ASP A 890 3.48 -1.05 3.21
C ASP A 890 3.19 0.38 2.79
N VAL A 891 3.74 0.82 1.66
CA VAL A 891 3.54 2.17 1.15
C VAL A 891 3.18 2.04 -0.33
N GLY A 892 1.88 2.04 -0.63
CA GLY A 892 1.42 1.96 -2.00
C GLY A 892 1.13 3.33 -2.57
N ILE A 893 1.51 3.54 -3.82
CA ILE A 893 1.33 4.81 -4.52
C ILE A 893 0.71 4.48 -5.87
N SER A 894 -0.33 5.22 -6.26
CA SER A 894 -0.98 5.02 -7.53
C SER A 894 -0.83 6.22 -8.46
N LEU A 895 -0.38 5.94 -9.68
CA LEU A 895 -0.25 6.93 -10.75
C LEU A 895 -1.50 6.91 -11.62
N SER A 896 -2.67 6.97 -10.99
CA SER A 896 -3.91 7.01 -11.76
C SER A 896 -5.05 7.40 -10.84
N GLN A 897 -5.89 8.32 -11.32
CA GLN A 897 -7.00 8.82 -10.54
C GLN A 897 -8.24 7.91 -10.61
N ALA A 898 -8.11 6.69 -11.14
CA ALA A 898 -9.23 5.78 -11.18
C ALA A 898 -8.71 4.35 -11.30
N GLU A 899 -9.46 3.42 -10.68
CA GLU A 899 -9.23 1.97 -10.67
C GLU A 899 -8.10 1.54 -9.74
N ALA A 900 -7.29 2.48 -9.26
CA ALA A 900 -6.21 2.17 -8.32
C ALA A 900 -6.13 3.10 -7.12
N SER A 901 -6.67 4.32 -7.21
CA SER A 901 -6.66 5.21 -6.05
C SER A 901 -7.54 4.71 -4.92
N VAL A 902 -8.45 3.77 -5.20
CA VAL A 902 -9.36 3.29 -4.16
C VAL A 902 -8.58 2.60 -3.04
N VAL A 903 -7.61 1.75 -3.40
CA VAL A 903 -6.92 0.92 -2.42
C VAL A 903 -5.61 1.56 -1.96
N SER A 904 -4.96 2.36 -2.80
CA SER A 904 -3.66 2.92 -2.51
C SER A 904 -3.76 3.94 -1.36
N PRO A 905 -2.86 3.87 -0.37
CA PRO A 905 -2.83 4.97 0.62
C PRO A 905 -2.45 6.31 0.02
N PHE A 906 -1.73 6.33 -1.10
CA PHE A 906 -1.28 7.55 -1.75
C PHE A 906 -1.68 7.53 -3.21
N THR A 907 -1.88 8.72 -3.77
CA THR A 907 -2.23 8.86 -5.19
C THR A 907 -1.64 10.16 -5.68
N SER A 908 -0.92 10.09 -6.80
CA SER A 908 -0.26 11.28 -7.37
C SER A 908 -0.94 11.72 -8.65
N SER A 909 -1.29 13.01 -8.69
CA SER A 909 -1.87 13.58 -9.90
C SER A 909 -0.90 13.48 -11.06
N MET A 910 0.33 13.96 -10.86
CA MET A 910 1.38 13.76 -11.86
C MET A 910 1.75 12.29 -11.93
N ALA A 911 1.94 11.79 -13.16
CA ALA A 911 2.10 10.35 -13.41
C ALA A 911 3.54 10.10 -13.84
N SER A 912 4.40 9.88 -12.87
CA SER A 912 5.78 9.47 -13.11
C SER A 912 6.38 9.01 -11.79
N ILE A 913 7.62 8.52 -11.85
CA ILE A 913 8.23 7.89 -10.70
C ILE A 913 8.70 8.91 -9.67
N GLU A 914 8.72 10.21 -10.02
CA GLU A 914 9.24 11.23 -9.11
C GLU A 914 8.46 11.32 -7.81
N CYS A 915 7.21 10.85 -7.77
CA CYS A 915 6.48 10.85 -6.52
C CYS A 915 7.11 9.95 -5.48
N VAL A 916 7.79 8.89 -5.91
CA VAL A 916 8.36 7.90 -4.98
C VAL A 916 9.42 8.56 -4.09
N PRO A 917 10.47 9.22 -4.64
CA PRO A 917 11.51 9.76 -3.76
C PRO A 917 10.96 10.80 -2.80
N MET A 918 10.19 11.75 -3.33
CA MET A 918 9.64 12.83 -2.52
C MET A 918 8.86 12.28 -1.33
N VAL A 919 8.03 11.27 -1.57
CA VAL A 919 7.29 10.62 -0.48
C VAL A 919 8.26 10.10 0.59
N ILE A 920 9.32 9.39 0.16
CA ILE A 920 10.31 8.86 1.09
C ILE A 920 10.89 9.95 1.97
N ARG A 921 11.31 11.06 1.34
CA ARG A 921 11.83 12.17 2.11
C ARG A 921 10.83 12.63 3.14
N GLU A 922 9.58 12.85 2.71
CA GLU A 922 8.53 13.23 3.64
C GLU A 922 8.38 12.20 4.75
N GLY A 923 8.38 10.91 4.38
CA GLY A 923 8.23 9.88 5.39
C GLY A 923 9.31 9.96 6.43
N ARG A 924 10.54 10.23 5.99
CA ARG A 924 11.66 10.30 6.92
C ARG A 924 11.45 11.41 7.94
N CYS A 925 10.94 12.57 7.50
CA CYS A 925 10.61 13.62 8.46
C CYS A 925 9.62 13.13 9.50
N SER A 926 8.51 12.52 9.08
CA SER A 926 7.52 12.06 10.05
C SER A 926 8.07 11.00 10.98
N LEU A 927 8.95 10.15 10.46
CA LEU A 927 9.51 9.09 11.28
C LEU A 927 10.56 9.65 12.19
N ASP A 928 11.10 10.81 11.85
CA ASP A 928 12.07 11.47 12.68
C ASP A 928 11.31 12.34 13.66
N THR A 929 10.43 13.20 13.12
CA THR A 929 9.62 14.07 13.98
C THR A 929 8.87 13.28 15.03
N SER A 930 8.24 12.16 14.61
CA SER A 930 7.53 11.29 15.53
C SER A 930 8.40 10.91 16.71
N PHE A 931 9.64 10.48 16.45
CA PHE A 931 10.54 10.13 17.53
C PHE A 931 10.70 11.28 18.51
N SER A 932 11.07 12.46 18.00
CA SER A 932 11.26 13.63 18.87
C SER A 932 10.02 13.97 19.67
N VAL A 933 8.87 14.03 18.99
CA VAL A 933 7.62 14.32 19.69
C VAL A 933 7.41 13.31 20.79
N PHE A 934 7.55 12.02 20.45
CA PHE A 934 7.38 10.95 21.43
C PHE A 934 8.30 11.22 22.62
N LYS A 935 9.57 11.47 22.32
CA LYS A 935 10.56 11.67 23.37
C LYS A 935 10.12 12.79 24.29
N TYR A 936 9.71 13.92 23.71
CA TYR A 936 9.27 15.03 24.54
C TYR A 936 8.11 14.62 25.44
N MET A 937 7.07 13.99 24.86
CA MET A 937 5.89 13.64 25.63
C MET A 937 6.23 12.75 26.82
N ALA A 938 7.02 11.69 26.57
CA ALA A 938 7.47 10.81 27.63
C ALA A 938 8.14 11.62 28.72
N LEU A 939 9.10 12.44 28.31
CA LEU A 939 9.80 13.31 29.23
C LEU A 939 8.79 14.21 29.95
N TYR A 940 8.04 15.02 29.17
CA TYR A 940 6.93 15.82 29.72
C TYR A 940 6.21 15.06 30.81
N SER A 941 5.76 13.84 30.50
CA SER A 941 5.04 13.08 31.50
C SER A 941 5.91 12.80 32.69
N LEU A 942 7.08 12.20 32.46
CA LEU A 942 7.87 11.63 33.54
C LEU A 942 8.35 12.70 34.51
N THR A 943 8.90 13.82 34.00
CA THR A 943 9.35 14.90 34.89
C THR A 943 8.20 15.41 35.73
N GLN A 944 7.02 15.60 35.12
CA GLN A 944 5.84 16.03 35.85
C GLN A 944 5.56 15.06 36.98
N PHE A 945 5.58 13.74 36.66
CA PHE A 945 5.38 12.72 37.66
C PHE A 945 6.34 12.92 38.83
N ILE A 946 7.63 13.12 38.56
CA ILE A 946 8.58 13.34 39.65
C ILE A 946 8.14 14.53 40.49
N SER A 947 7.84 15.66 39.83
CA SER A 947 7.47 16.86 40.57
C SER A 947 6.25 16.62 41.46
N VAL A 948 5.23 15.97 40.90
CA VAL A 948 4.03 15.67 41.67
C VAL A 948 4.43 14.85 42.88
N LEU A 949 5.26 13.82 42.68
CA LEU A 949 5.70 12.99 43.78
C LEU A 949 6.36 13.82 44.88
N ILE A 950 7.25 14.74 44.48
CA ILE A 950 7.97 15.59 45.44
C ILE A 950 6.96 16.34 46.30
N LEU A 951 5.98 16.98 45.67
CA LEU A 951 4.99 17.72 46.44
C LEU A 951 4.12 16.75 47.25
N TYR A 952 3.81 15.59 46.68
CA TYR A 952 3.04 14.59 47.42
C TYR A 952 3.80 14.09 48.64
N THR A 953 5.12 14.21 48.63
CA THR A 953 5.91 13.80 49.79
C THR A 953 5.70 14.73 50.98
N ILE A 954 5.15 15.93 50.75
CA ILE A 954 4.96 16.92 51.80
C ILE A 954 3.52 17.40 51.82
N ASN A 955 2.59 16.55 51.38
CA ASN A 955 1.15 16.85 51.44
C ASN A 955 0.83 18.13 50.67
N THR A 956 1.24 18.14 49.39
CA THR A 956 1.01 19.29 48.53
C THR A 956 0.89 18.81 47.09
N ASN A 957 0.31 19.67 46.26
CA ASN A 957 0.08 19.38 44.86
C ASN A 957 0.38 20.64 44.07
N LEU A 958 0.51 20.51 42.75
CA LEU A 958 0.85 21.65 41.92
C LEU A 958 -0.22 22.74 42.01
N GLY A 959 -1.44 22.40 41.61
CA GLY A 959 -2.53 23.37 41.54
C GLY A 959 -3.23 23.32 40.21
N ASP A 960 -4.54 23.64 40.20
CA ASP A 960 -5.32 23.50 38.96
C ASP A 960 -4.77 24.42 37.88
N LEU A 961 -4.50 25.68 38.20
CA LEU A 961 -3.98 26.59 37.20
C LEU A 961 -2.57 26.21 36.77
N GLN A 962 -1.74 25.77 37.72
CA GLN A 962 -0.42 25.28 37.35
C GLN A 962 -0.51 24.05 36.46
N PHE A 963 -1.38 23.10 36.80
CA PHE A 963 -1.55 21.90 35.99
C PHE A 963 -2.01 22.27 34.58
N LEU A 964 -2.93 23.23 34.49
CA LEU A 964 -3.42 23.68 33.20
C LEU A 964 -2.33 24.40 32.40
N ALA A 965 -1.52 25.20 33.07
CA ALA A 965 -0.44 25.94 32.41
C ALA A 965 0.68 25.01 31.96
N ILE A 966 0.74 23.81 32.53
CA ILE A 966 1.68 22.80 32.03
C ILE A 966 1.06 21.96 30.93
N ASP A 967 -0.22 21.60 31.03
CA ASP A 967 -0.78 20.66 30.07
C ASP A 967 -1.29 21.33 28.79
N LEU A 968 -1.93 22.51 28.89
CA LEU A 968 -2.53 23.11 27.70
C LEU A 968 -1.51 23.88 26.87
N VAL A 969 -0.90 24.90 27.46
CA VAL A 969 -0.15 25.87 26.66
C VAL A 969 1.25 25.35 26.34
N ILE A 970 1.98 24.85 27.33
CA ILE A 970 3.37 24.49 27.12
C ILE A 970 3.44 23.29 26.17
N THR A 971 2.68 22.24 26.49
CA THR A 971 2.76 21.02 25.68
C THR A 971 2.25 21.23 24.26
N THR A 972 1.07 21.83 24.11
CA THR A 972 0.50 22.03 22.79
C THR A 972 1.40 22.89 21.92
N THR A 973 1.88 24.02 22.46
CA THR A 973 2.69 24.94 21.67
C THR A 973 3.96 24.26 21.17
N VAL A 974 4.73 23.66 22.08
CA VAL A 974 5.99 23.06 21.67
C VAL A 974 5.74 21.84 20.78
N ALA A 975 4.74 21.03 21.11
CA ALA A 975 4.48 19.81 20.37
C ALA A 975 4.07 20.10 18.93
N VAL A 976 3.19 21.06 18.72
CA VAL A 976 2.76 21.38 17.37
C VAL A 976 3.86 22.12 16.63
N LEU A 977 4.58 23.02 17.32
CA LEU A 977 5.56 23.85 16.64
C LEU A 977 6.89 23.15 16.35
N MET A 978 7.19 22.03 16.99
CA MET A 978 8.39 21.27 16.65
C MET A 978 8.16 20.32 15.46
N SER A 979 6.93 20.25 14.94
CA SER A 979 6.61 19.40 13.80
C SER A 979 6.59 20.16 12.48
N ARG A 980 6.89 21.45 12.48
CA ARG A 980 6.81 22.22 11.25
C ARG A 980 7.95 21.92 10.29
N THR A 981 9.08 21.43 10.80
CA THR A 981 10.29 21.32 10.00
C THR A 981 10.07 20.37 8.83
N GLY A 982 10.71 20.68 7.70
CA GLY A 982 10.61 19.88 6.52
C GLY A 982 11.91 19.13 6.21
N PRO A 983 11.91 18.35 5.13
CA PRO A 983 13.10 17.56 4.80
C PRO A 983 14.24 18.42 4.30
N ALA A 984 15.39 17.77 4.11
CA ALA A 984 16.64 18.44 3.79
C ALA A 984 16.90 18.50 2.29
N LEU A 985 15.90 18.19 1.47
CA LEU A 985 15.94 18.31 0.01
C LEU A 985 16.78 17.24 -0.66
N VAL A 986 17.44 16.36 0.10
CA VAL A 986 18.30 15.32 -0.44
C VAL A 986 18.06 14.03 0.32
N LEU A 987 18.40 12.90 -0.29
CA LEU A 987 18.28 11.57 0.30
C LEU A 987 19.66 11.06 0.69
N GLY A 988 19.89 10.94 2.00
CA GLY A 988 21.12 10.39 2.52
C GLY A 988 21.18 8.88 2.51
N ARG A 989 22.40 8.36 2.73
CA ARG A 989 22.63 6.93 2.76
C ARG A 989 22.13 6.25 4.03
N VAL A 990 21.75 7.02 5.06
CA VAL A 990 21.46 6.43 6.37
C VAL A 990 19.97 6.56 6.64
N ARG A 991 19.34 5.46 7.05
CA ARG A 991 17.93 5.46 7.40
C ARG A 991 17.78 6.01 8.82
N PRO A 992 16.61 6.52 9.18
CA PRO A 992 16.38 6.90 10.58
C PRO A 992 16.22 5.67 11.45
N PRO A 993 16.27 5.81 12.77
CA PRO A 993 16.02 4.65 13.63
C PRO A 993 14.63 4.08 13.42
N GLY A 994 14.55 2.75 13.42
CA GLY A 994 13.30 2.05 13.15
C GLY A 994 12.56 1.59 14.38
N ALA A 995 12.96 2.04 15.56
CA ALA A 995 12.36 1.54 16.80
C ALA A 995 12.54 2.50 17.97
N LEU A 996 11.43 2.87 18.61
CA LEU A 996 11.47 3.75 19.77
C LEU A 996 12.11 3.10 20.99
N LEU A 997 12.12 1.77 21.07
CA LEU A 997 12.77 1.09 22.18
C LEU A 997 14.26 0.85 21.94
N SER A 998 14.89 1.62 21.06
CA SER A 998 16.29 1.42 20.75
C SER A 998 17.15 1.86 21.93
N VAL A 999 18.39 1.38 21.94
CA VAL A 999 19.33 1.78 22.99
C VAL A 999 19.52 3.28 23.04
N PRO A 1000 19.75 4.00 21.93
CA PRO A 1000 19.90 5.46 22.03
C PRO A 1000 18.70 6.18 22.63
N VAL A 1001 17.48 5.79 22.24
CA VAL A 1001 16.29 6.47 22.77
C VAL A 1001 16.18 6.26 24.27
N LEU A 1002 16.29 5.01 24.72
CA LEU A 1002 16.14 4.71 26.14
C LEU A 1002 17.25 5.39 26.95
N SER A 1003 18.48 5.37 26.44
CA SER A 1003 19.59 6.00 27.13
C SER A 1003 19.36 7.51 27.24
N SER A 1004 18.91 8.13 26.15
CA SER A 1004 18.66 9.58 26.18
C SER A 1004 17.60 9.94 27.21
N LEU A 1005 16.47 9.22 27.23
CA LEU A 1005 15.45 9.55 28.23
C LEU A 1005 15.98 9.35 29.65
N LEU A 1006 16.67 8.24 29.90
CA LEU A 1006 17.13 7.97 31.26
C LEU A 1006 18.15 9.00 31.72
N LEU A 1007 19.09 9.36 30.86
CA LEU A 1007 20.10 10.35 31.24
C LEU A 1007 19.46 11.73 31.41
N GLN A 1008 18.54 12.09 30.53
CA GLN A 1008 17.87 13.39 30.64
C GLN A 1008 17.09 13.47 31.95
N MET A 1009 16.44 12.38 32.34
CA MET A 1009 15.73 12.38 33.61
C MET A 1009 16.68 12.40 34.80
N VAL A 1010 17.84 11.75 34.71
CA VAL A 1010 18.80 11.87 35.80
C VAL A 1010 19.18 13.34 36.00
N LEU A 1011 19.43 14.04 34.89
CA LEU A 1011 19.74 15.48 34.98
C LEU A 1011 18.57 16.25 35.58
N VAL A 1012 17.36 16.03 35.08
CA VAL A 1012 16.21 16.82 35.50
C VAL A 1012 15.90 16.60 36.97
N THR A 1013 15.92 15.33 37.41
CA THR A 1013 15.70 15.03 38.82
C THR A 1013 16.79 15.67 39.68
N GLY A 1014 18.04 15.64 39.21
CA GLY A 1014 19.10 16.30 39.96
C GLY A 1014 18.83 17.77 40.16
N VAL A 1015 18.45 18.47 39.09
CA VAL A 1015 18.19 19.91 39.21
C VAL A 1015 16.99 20.18 40.12
N GLN A 1016 15.91 19.41 39.98
CA GLN A 1016 14.72 19.66 40.79
C GLN A 1016 14.99 19.39 42.27
N LEU A 1017 15.62 18.26 42.58
CA LEU A 1017 15.94 17.94 43.96
C LEU A 1017 16.94 18.94 44.54
N GLY A 1018 17.92 19.37 43.74
CA GLY A 1018 18.86 20.36 44.23
C GLY A 1018 18.18 21.67 44.57
N GLY A 1019 17.23 22.10 43.72
CA GLY A 1019 16.47 23.30 44.04
C GLY A 1019 15.67 23.13 45.31
N TYR A 1020 15.04 21.96 45.49
CA TYR A 1020 14.26 21.73 46.71
C TYR A 1020 15.14 21.75 47.95
N PHE A 1021 16.29 21.09 47.89
CA PHE A 1021 17.17 21.05 49.05
C PHE A 1021 17.91 22.36 49.28
N LEU A 1022 17.97 23.23 48.28
CA LEU A 1022 18.60 24.53 48.46
C LEU A 1022 17.62 25.53 49.05
N THR A 1023 16.35 25.47 48.66
CA THR A 1023 15.39 26.42 49.22
C THR A 1023 15.11 26.15 50.69
N LEU A 1024 15.40 24.94 51.18
CA LEU A 1024 15.21 24.68 52.61
C LEU A 1024 16.30 25.33 53.46
N ALA A 1025 17.48 25.57 52.88
CA ALA A 1025 18.59 26.20 53.61
C ALA A 1025 18.63 27.69 53.31
N GLN A 1026 17.63 28.39 53.82
CA GLN A 1026 17.53 29.84 53.71
C GLN A 1026 17.11 30.42 55.06
N PRO A 1027 17.53 31.64 55.39
CA PRO A 1027 17.00 32.28 56.61
C PRO A 1027 15.53 32.64 56.50
N TRP A 1028 15.00 32.84 55.30
CA TRP A 1028 13.65 33.37 55.11
C TRP A 1028 12.63 32.28 54.81
N PHE A 1029 12.98 31.00 54.94
CA PHE A 1029 12.08 29.90 54.63
C PHE A 1029 11.32 29.46 55.87
N VAL A 1030 10.04 29.18 55.71
CA VAL A 1030 9.19 28.61 56.75
C VAL A 1030 8.45 27.44 56.12
N PRO A 1031 8.45 26.24 56.71
CA PRO A 1031 7.73 25.12 56.08
C PRO A 1031 6.22 25.32 56.09
N LEU A 1032 5.56 24.68 55.13
CA LEU A 1032 4.12 24.58 55.12
C LEU A 1032 3.65 23.71 56.29
N ASN A 1033 2.43 23.96 56.77
CA ASN A 1033 1.78 23.12 57.76
C ASN A 1033 1.05 21.98 57.05
N ARG A 1034 1.38 20.73 57.40
CA ARG A 1034 0.85 19.58 56.70
C ARG A 1034 -0.50 19.12 57.25
N THR A 1035 -1.06 19.84 58.22
CA THR A 1035 -2.39 19.55 58.75
C THR A 1035 -3.51 19.95 57.80
N VAL A 1036 -3.20 20.65 56.71
CA VAL A 1036 -4.20 21.19 55.79
C VAL A 1036 -4.06 20.40 54.49
N ALA A 1037 -5.14 20.38 53.72
CA ALA A 1037 -5.16 19.57 52.50
C ALA A 1037 -4.14 20.09 51.49
N ALA A 1038 -3.93 19.32 50.43
CA ALA A 1038 -2.95 19.69 49.40
C ALA A 1038 -3.25 21.01 48.69
N PRO A 1039 -4.46 21.25 48.16
CA PRO A 1039 -4.70 22.50 47.43
C PRO A 1039 -4.85 23.72 48.32
N ASP A 1040 -5.27 23.55 49.58
CA ASP A 1040 -5.43 24.67 50.50
C ASP A 1040 -4.12 25.09 51.17
N ASN A 1041 -3.02 24.37 50.94
CA ASN A 1041 -1.72 24.84 51.41
C ASN A 1041 -1.18 25.98 50.56
N LEU A 1042 -1.76 26.22 49.40
CA LEU A 1042 -1.20 27.20 48.48
C LEU A 1042 -1.77 28.59 48.75
N PRO A 1043 -1.01 29.67 48.45
CA PRO A 1043 0.36 29.74 47.92
C PRO A 1043 1.41 29.25 48.90
N ASN A 1044 2.53 28.76 48.39
CA ASN A 1044 3.46 27.98 49.18
C ASN A 1044 4.86 28.04 48.60
N TYR A 1045 5.87 28.03 49.47
CA TYR A 1045 7.25 28.17 49.03
C TYR A 1045 7.71 26.97 48.23
N GLU A 1046 7.46 25.75 48.70
CA GLU A 1046 7.91 24.56 47.98
C GLU A 1046 7.24 24.47 46.61
N ASN A 1047 5.93 24.73 46.54
CA ASN A 1047 5.21 24.63 45.28
C ASN A 1047 5.74 25.62 44.25
N THR A 1048 5.93 26.88 44.65
CA THR A 1048 6.38 27.86 43.67
C THR A 1048 7.79 27.55 43.18
N VAL A 1049 8.67 27.10 44.07
CA VAL A 1049 10.03 26.77 43.66
C VAL A 1049 10.01 25.60 42.67
N VAL A 1050 9.28 24.54 43.00
CA VAL A 1050 9.26 23.36 42.15
C VAL A 1050 8.61 23.69 40.81
N PHE A 1051 7.51 24.46 40.84
CA PHE A 1051 6.85 24.85 39.61
C PHE A 1051 7.75 25.72 38.75
N SER A 1052 8.48 26.66 39.37
CA SER A 1052 9.37 27.53 38.64
C SER A 1052 10.44 26.73 37.92
N LEU A 1053 11.03 25.75 38.62
CA LEU A 1053 12.04 24.92 37.98
C LEU A 1053 11.44 24.08 36.86
N SER A 1054 10.33 23.41 37.14
CA SER A 1054 9.76 22.45 36.18
C SER A 1054 9.28 23.17 34.92
N SER A 1055 8.71 24.36 35.08
CA SER A 1055 8.16 25.08 33.94
C SER A 1055 9.25 25.40 32.91
N PHE A 1056 10.42 25.85 33.40
CA PHE A 1056 11.54 26.04 32.48
C PHE A 1056 12.02 24.71 31.94
N GLN A 1057 12.03 23.67 32.78
CA GLN A 1057 12.51 22.36 32.33
C GLN A 1057 11.72 21.81 31.16
N TYR A 1058 10.41 22.05 31.13
CA TYR A 1058 9.62 21.54 30.01
C TYR A 1058 10.11 22.15 28.70
N LEU A 1059 10.31 23.46 28.68
CA LEU A 1059 10.82 24.12 27.48
C LEU A 1059 12.25 23.68 27.16
N ILE A 1060 13.08 23.49 28.19
CA ILE A 1060 14.45 23.07 27.94
C ILE A 1060 14.47 21.73 27.22
N LEU A 1061 13.69 20.77 27.71
CA LEU A 1061 13.63 19.46 27.07
C LEU A 1061 13.01 19.55 25.69
N ALA A 1062 11.94 20.33 25.52
CA ALA A 1062 11.31 20.44 24.21
C ALA A 1062 12.29 21.00 23.19
N ALA A 1063 13.12 21.96 23.59
CA ALA A 1063 14.09 22.53 22.67
C ALA A 1063 15.23 21.56 22.39
N ALA A 1064 15.72 20.87 23.42
CA ALA A 1064 16.88 20.01 23.26
C ALA A 1064 16.55 18.73 22.50
N VAL A 1065 15.33 18.20 22.65
CA VAL A 1065 15.02 16.89 22.07
C VAL A 1065 14.99 16.97 20.56
N SER A 1066 14.49 18.05 19.99
CA SER A 1066 14.32 18.13 18.55
C SER A 1066 15.67 18.17 17.85
N LYS A 1067 15.72 17.62 16.65
CA LYS A 1067 16.94 17.52 15.85
C LYS A 1067 16.71 18.14 14.49
N GLY A 1068 17.82 18.29 13.75
CA GLY A 1068 17.81 18.85 12.41
C GLY A 1068 18.25 17.85 11.35
N ALA A 1069 19.47 18.01 10.85
CA ALA A 1069 19.99 17.11 9.84
C ALA A 1069 20.15 15.70 10.41
N PRO A 1070 20.21 14.67 9.54
CA PRO A 1070 20.13 14.68 8.07
C PRO A 1070 18.73 14.47 7.50
N PHE A 1071 17.75 14.15 8.35
CA PHE A 1071 16.40 13.87 7.88
C PHE A 1071 15.49 15.09 7.89
N ARG A 1072 15.85 16.15 8.60
CA ARG A 1072 15.05 17.36 8.66
C ARG A 1072 15.94 18.57 8.42
N ARG A 1073 15.29 19.70 8.16
CA ARG A 1073 15.99 20.95 8.04
C ARG A 1073 16.61 21.32 9.39
N PRO A 1074 17.65 22.16 9.42
CA PRO A 1074 18.27 22.51 10.69
C PRO A 1074 17.29 23.18 11.64
N LEU A 1075 17.50 22.97 12.94
CA LEU A 1075 16.54 23.37 13.96
C LEU A 1075 16.35 24.87 14.05
N TYR A 1076 17.24 25.69 13.47
CA TYR A 1076 17.09 27.13 13.54
C TYR A 1076 16.23 27.72 12.43
N THR A 1077 15.76 26.89 11.49
CA THR A 1077 14.92 27.40 10.39
C THR A 1077 13.50 27.72 10.84
N ASN A 1078 12.88 26.87 11.65
CA ASN A 1078 11.50 27.11 12.07
C ASN A 1078 11.49 28.26 13.07
N VAL A 1079 11.50 29.48 12.51
CA VAL A 1079 11.45 30.68 13.35
C VAL A 1079 10.24 30.69 14.27
N PRO A 1080 9.04 30.26 13.87
CA PRO A 1080 7.92 30.24 14.84
C PRO A 1080 8.21 29.45 16.10
N PHE A 1081 8.88 28.30 15.99
CA PHE A 1081 9.14 27.48 17.17
C PHE A 1081 10.12 28.19 18.12
N LEU A 1082 11.20 28.75 17.56
CA LEU A 1082 12.17 29.46 18.38
C LEU A 1082 11.55 30.70 19.02
N VAL A 1083 10.72 31.41 18.27
CA VAL A 1083 10.06 32.60 18.81
C VAL A 1083 9.09 32.20 19.92
N ALA A 1084 8.38 31.09 19.75
CA ALA A 1084 7.49 30.61 20.80
C ALA A 1084 8.28 30.27 22.05
N LEU A 1085 9.43 29.61 21.89
CA LEU A 1085 10.28 29.31 23.04
C LEU A 1085 10.74 30.59 23.71
N ALA A 1086 11.13 31.59 22.93
CA ALA A 1086 11.59 32.85 23.51
C ALA A 1086 10.49 33.52 24.31
N LEU A 1087 9.26 33.57 23.78
CA LEU A 1087 8.19 34.22 24.52
C LEU A 1087 7.81 33.43 25.77
N LEU A 1088 7.75 32.10 25.66
CA LEU A 1088 7.43 31.29 26.84
C LEU A 1088 8.49 31.46 27.91
N SER A 1089 9.77 31.44 27.53
CA SER A 1089 10.83 31.66 28.51
C SER A 1089 10.78 33.06 29.09
N SER A 1090 10.40 34.05 28.28
CA SER A 1090 10.30 35.42 28.79
C SER A 1090 9.22 35.53 29.86
N VAL A 1091 8.04 34.96 29.60
CA VAL A 1091 6.97 35.03 30.60
C VAL A 1091 7.35 34.22 31.84
N LEU A 1092 8.06 33.09 31.66
CA LEU A 1092 8.44 32.30 32.82
C LEU A 1092 9.46 33.04 33.70
N VAL A 1093 10.46 33.67 33.09
CA VAL A 1093 11.42 34.43 33.89
C VAL A 1093 10.75 35.64 34.52
N GLY A 1094 9.75 36.21 33.83
CA GLY A 1094 8.96 37.26 34.45
C GLY A 1094 8.20 36.76 35.67
N LEU A 1095 7.63 35.57 35.58
CA LEU A 1095 6.95 34.98 36.74
C LEU A 1095 7.91 34.80 37.90
N VAL A 1096 9.12 34.31 37.62
CA VAL A 1096 10.08 34.10 38.70
C VAL A 1096 10.51 35.43 39.30
N LEU A 1097 10.78 36.42 38.45
CA LEU A 1097 11.38 37.69 38.88
C LEU A 1097 10.36 38.78 39.17
N VAL A 1098 9.54 39.12 38.19
CA VAL A 1098 8.60 40.24 38.33
C VAL A 1098 7.58 39.92 39.43
N PRO A 1099 7.40 40.78 40.45
CA PRO A 1099 6.55 40.39 41.58
C PRO A 1099 5.07 40.70 41.36
N GLY A 1100 4.22 39.69 41.58
CA GLY A 1100 2.78 39.87 41.58
C GLY A 1100 2.19 40.41 40.30
N LEU A 1101 2.27 39.66 39.21
CA LEU A 1101 1.55 40.02 37.98
C LEU A 1101 0.66 38.87 37.52
N LEU A 1102 1.15 37.64 37.65
CA LEU A 1102 0.38 36.43 37.37
C LEU A 1102 0.40 35.46 38.55
N GLN A 1103 0.84 35.92 39.73
CA GLN A 1103 0.89 35.07 40.91
C GLN A 1103 -0.42 35.02 41.68
N GLY A 1104 -1.44 35.75 41.23
CA GLY A 1104 -2.76 35.62 41.78
C GLY A 1104 -3.44 34.34 41.31
N PRO A 1105 -3.57 34.19 39.98
CA PRO A 1105 -4.10 32.93 39.43
C PRO A 1105 -3.27 31.73 39.83
N LEU A 1106 -1.97 31.77 39.53
CA LEU A 1106 -1.06 30.71 39.94
C LEU A 1106 -0.57 31.01 41.35
N ALA A 1107 -0.90 30.13 42.28
CA ALA A 1107 -0.66 30.38 43.71
C ALA A 1107 0.84 30.27 44.02
N LEU A 1108 1.55 31.37 43.78
CA LEU A 1108 2.97 31.48 44.06
C LEU A 1108 3.20 32.47 45.21
N ARG A 1109 4.30 32.26 45.93
CA ARG A 1109 4.52 32.93 47.22
C ARG A 1109 5.47 34.12 47.13
N ASN A 1110 5.92 34.49 45.92
CA ASN A 1110 6.65 35.75 45.70
C ASN A 1110 7.93 35.81 46.54
N ILE A 1111 8.89 34.98 46.14
CA ILE A 1111 10.22 34.99 46.75
C ILE A 1111 10.77 36.42 46.73
N THR A 1112 11.19 36.91 47.90
CA THR A 1112 11.67 38.28 48.04
C THR A 1112 13.19 38.40 47.88
N ASP A 1113 13.94 37.35 48.19
CA ASP A 1113 15.40 37.37 48.13
C ASP A 1113 15.88 37.31 46.69
N THR A 1114 16.59 38.36 46.26
CA THR A 1114 17.04 38.43 44.87
C THR A 1114 18.10 37.36 44.58
N GLY A 1115 19.00 37.14 45.54
CA GLY A 1115 20.08 36.19 45.32
C GLY A 1115 19.58 34.79 45.06
N PHE A 1116 18.54 34.38 45.78
CA PHE A 1116 17.96 33.05 45.56
C PHE A 1116 17.34 32.96 44.18
N LYS A 1117 16.71 34.03 43.71
CA LYS A 1117 16.15 34.03 42.36
C LYS A 1117 17.26 33.88 41.33
N LEU A 1118 18.37 34.59 41.52
CA LEU A 1118 19.50 34.40 40.61
C LEU A 1118 20.01 32.97 40.68
N LEU A 1119 20.02 32.35 41.86
CA LEU A 1119 20.45 30.96 41.95
C LEU A 1119 19.51 30.04 41.17
N LEU A 1120 18.20 30.28 41.26
CA LEU A 1120 17.25 29.49 40.48
C LEU A 1120 17.49 29.67 38.98
N LEU A 1121 17.74 30.92 38.57
CA LEU A 1121 18.04 31.18 37.17
C LEU A 1121 19.30 30.44 36.74
N GLY A 1122 20.33 30.45 37.60
CA GLY A 1122 21.54 29.72 37.29
C GLY A 1122 21.31 28.23 37.18
N LEU A 1123 20.45 27.69 38.05
CA LEU A 1123 20.16 26.26 37.99
C LEU A 1123 19.46 25.89 36.69
N VAL A 1124 18.50 26.70 36.25
CA VAL A 1124 17.82 26.36 35.00
C VAL A 1124 18.75 26.55 33.80
N THR A 1125 19.67 27.52 33.87
CA THR A 1125 20.68 27.64 32.82
C THR A 1125 21.58 26.40 32.80
N LEU A 1126 21.94 25.89 33.98
CA LEU A 1126 22.70 24.66 34.06
C LEU A 1126 21.93 23.52 33.41
N ASN A 1127 20.62 23.46 33.64
CA ASN A 1127 19.80 22.44 32.99
C ASN A 1127 19.82 22.61 31.47
N PHE A 1128 19.73 23.85 30.99
CA PHE A 1128 19.79 24.15 29.56
C PHE A 1128 21.08 23.63 28.93
N VAL A 1129 22.21 24.05 29.49
CA VAL A 1129 23.50 23.68 28.91
C VAL A 1129 23.73 22.19 29.05
N GLY A 1130 23.32 21.61 30.18
CA GLY A 1130 23.49 20.19 30.36
C GLY A 1130 22.69 19.38 29.37
N ALA A 1131 21.44 19.76 29.13
CA ALA A 1131 20.61 19.01 28.19
C ALA A 1131 21.17 19.11 26.77
N PHE A 1132 21.53 20.31 26.33
CA PHE A 1132 22.08 20.43 24.98
C PHE A 1132 23.41 19.69 24.82
N MET A 1133 24.33 19.85 25.77
CA MET A 1133 25.60 19.13 25.66
C MET A 1133 25.40 17.63 25.76
N LEU A 1134 24.44 17.17 26.57
CA LEU A 1134 24.17 15.74 26.65
C LEU A 1134 23.64 15.19 25.34
N GLU A 1135 22.69 15.89 24.72
CA GLU A 1135 22.21 15.43 23.43
C GLU A 1135 23.31 15.42 22.39
N SER A 1136 24.14 16.47 22.35
CA SER A 1136 25.21 16.53 21.36
C SER A 1136 26.21 15.40 21.56
N VAL A 1137 26.71 15.22 22.78
CA VAL A 1137 27.71 14.19 23.02
C VAL A 1137 27.13 12.80 22.83
N LEU A 1138 25.87 12.57 23.22
CA LEU A 1138 25.27 11.26 22.98
C LEU A 1138 25.19 10.98 21.49
N ASP A 1139 24.64 11.91 20.72
CA ASP A 1139 24.51 11.71 19.28
C ASP A 1139 25.85 11.54 18.58
N GLN A 1140 26.90 12.24 19.03
CA GLN A 1140 28.17 12.21 18.33
C GLN A 1140 29.16 11.21 18.91
N CYS A 1141 28.82 10.48 19.99
CA CYS A 1141 29.76 9.49 20.54
C CYS A 1141 29.11 8.20 21.02
N LEU A 1142 27.80 7.99 20.89
CA LEU A 1142 27.25 6.70 21.33
C LEU A 1142 27.43 5.60 20.29
N PRO A 1143 27.24 5.83 18.98
CA PRO A 1143 27.50 4.75 18.02
C PRO A 1143 28.91 4.19 18.09
N ALA A 1144 29.90 5.05 18.30
CA ALA A 1144 31.28 4.56 18.40
C ALA A 1144 31.46 3.64 19.59
N CYS A 1145 30.91 4.00 20.75
CA CYS A 1145 31.02 3.13 21.91
C CYS A 1145 30.27 1.83 21.70
N LEU A 1146 29.08 1.89 21.10
CA LEU A 1146 28.32 0.67 20.85
C LEU A 1146 29.06 -0.26 19.90
N ARG A 1147 29.61 0.28 18.82
CA ARG A 1147 30.35 -0.53 17.86
C ARG A 1147 31.64 -1.08 18.44
N ARG A 1148 32.36 -0.26 19.23
CA ARG A 1148 33.63 -0.71 19.79
C ARG A 1148 33.44 -1.82 20.83
N LEU A 1149 32.20 -2.02 21.31
CA LEU A 1149 31.91 -3.09 22.25
C LEU A 1149 31.07 -4.13 21.52
N ARG A 1150 31.55 -5.38 21.50
CA ARG A 1150 30.83 -6.46 20.82
C ARG A 1150 30.66 -6.14 19.34
N PRO A 1151 31.76 -6.03 18.57
CA PRO A 1151 31.62 -5.65 17.16
C PRO A 1151 30.88 -6.67 16.30
N LYS A 1152 30.76 -7.91 16.76
CA LYS A 1152 30.00 -8.94 16.03
C LYS A 1152 28.50 -8.71 16.14
N ARG A 1153 27.98 -7.83 15.29
CA ARG A 1153 26.58 -7.41 15.28
C ARG A 1153 25.65 -8.50 14.77
N ALA A 1154 25.83 -8.86 13.49
CA ALA A 1154 25.10 -9.92 12.80
C ALA A 1154 23.57 -9.72 12.92
N SER A 1155 23.14 -8.63 12.29
CA SER A 1155 21.78 -8.11 12.36
C SER A 1155 20.71 -9.17 12.09
N LYS A 1156 19.63 -9.13 12.88
CA LYS A 1156 18.64 -10.20 12.93
C LYS A 1156 17.64 -10.17 11.78
N LYS A 1157 17.60 -9.09 10.99
CA LYS A 1157 16.65 -9.03 9.89
C LYS A 1157 16.96 -10.12 8.88
N ARG A 1158 15.90 -10.78 8.38
CA ARG A 1158 16.08 -11.97 7.56
C ARG A 1158 16.81 -11.66 6.26
N PHE A 1159 16.45 -10.55 5.61
CA PHE A 1159 17.07 -10.21 4.34
C PHE A 1159 18.55 -9.85 4.48
N LYS A 1160 18.94 -9.18 5.57
CA LYS A 1160 20.35 -8.90 5.80
C LYS A 1160 21.14 -10.19 6.00
N GLN A 1161 20.56 -11.13 6.75
CA GLN A 1161 21.19 -12.43 6.94
C GLN A 1161 21.37 -13.16 5.62
N LEU A 1162 20.33 -13.16 4.78
CA LEU A 1162 20.42 -13.81 3.48
C LEU A 1162 21.47 -13.15 2.61
N GLU A 1163 21.59 -11.82 2.68
CA GLU A 1163 22.63 -11.16 1.91
C GLU A 1163 23.99 -11.66 2.36
N ARG A 1164 24.19 -11.81 3.67
CA ARG A 1164 25.48 -12.34 4.13
C ARG A 1164 25.71 -13.78 3.65
N GLU A 1165 24.72 -14.67 3.74
CA GLU A 1165 24.98 -16.03 3.27
C GLU A 1165 25.31 -16.06 1.78
N LEU A 1166 24.59 -15.29 0.97
CA LEU A 1166 24.93 -15.25 -0.45
C LEU A 1166 26.26 -14.56 -0.71
N ALA A 1167 26.57 -13.52 0.06
CA ALA A 1167 27.84 -12.82 -0.11
C ALA A 1167 29.05 -13.70 0.16
N GLU A 1168 29.02 -14.48 1.25
CA GLU A 1168 30.14 -15.40 1.47
C GLU A 1168 30.16 -16.49 0.40
N GLN A 1169 29.01 -17.12 0.16
CA GLN A 1169 28.88 -18.24 -0.77
C GLN A 1169 27.67 -18.05 -1.66
N PRO A 1170 27.79 -17.42 -2.83
CA PRO A 1170 26.59 -17.27 -3.67
C PRO A 1170 26.11 -18.65 -4.06
N TRP A 1171 24.87 -18.98 -3.67
CA TRP A 1171 24.41 -20.36 -3.86
C TRP A 1171 24.38 -20.76 -5.34
N PRO A 1172 23.83 -19.97 -6.26
CA PRO A 1172 23.91 -20.35 -7.67
C PRO A 1172 25.31 -20.13 -8.21
N PRO A 1173 26.06 -21.19 -8.53
CA PRO A 1173 27.44 -20.92 -8.96
C PRO A 1173 27.51 -20.24 -10.32
#